data_7K6Q
#
_entry.id   7K6Q
#
_cell.length_a   1.00
_cell.length_b   1.00
_cell.length_c   1.00
_cell.angle_alpha   90.00
_cell.angle_beta   90.00
_cell.angle_gamma   90.00
#
_symmetry.space_group_name_H-M   'P 1'
#
loop_
_entity.id
_entity.type
_entity.pdbx_description
1 polymer 'Histone H3.2'
2 polymer 'Histone H4'
3 polymer 'Histone H2A type 1'
4 polymer 'Histone H2B 1.1'
5 polymer 'DNA (146-MER)'
6 polymer 'DNA (146-MER)'
7 polymer 'Histone-lysine N-methyltransferase, H3 lysine-79 specific'
8 polymer Ubiquitin
9 non-polymer S-ADENOSYLMETHIONINE
#
loop_
_entity_poly.entity_id
_entity_poly.type
_entity_poly.pdbx_seq_one_letter_code
_entity_poly.pdbx_strand_id
1 'polypeptide(L)'
;KPHRYRPGTVALREIRRYQKSTELLIRKLPFQRLVREIAQDFMTDLRFQSSAVMALQEASEAYLVALFEDTNLCAIHAKR
VTIMPKDIQLARRIRGER
;
A,E
2 'polypeptide(L)'
;GKGGA(ALY)RHRKVLRDNIQGITKPAIRRLARRGGVKRISGLIYEETRGVLKVFLENVIRDAVTYTEHAKRKTVTAMDV
VYALKRQGRTLYGFGG
;
B,F
3 'polypeptide(L)'
;AKAKTRSSRAGLQFPVGRVHRLLRKGNYAERVGAGAPVYLAAVLEYLTAEILELAGNAARDNKKTRIIPRHLQLAVRNDE
ELNKLLGRVTIAQGGVLPNIQSVLLPK
;
C,G
4 'polypeptide(L)'
;TRKESYAIYVYKVLKQVHPDTGISSKAMSIMNSFVNDVFERIAGEASRLAHYNKRSTITSREIQTAVRLLLPGELAKHAV
SEGTKAVTCYTSA
;
D,H
5 'polydeoxyribonucleotide'
;(DT)(DC)(DG)(DA)(DG)(DA)(DA)(DT)(DC)(DC)(DC)(DG)(DG)(DT)(DG)(DC)(DC)(DG)(DA)(DG)
(DG)(DC)(DC)(DG)(DC)(DT)(DC)(DA)(DA)(DT)(DT)(DG)(DG)(DT)(DC)(DG)(DT)(DA)(DG)(DA)
(DC)(DA)(DG)(DC)(DT)(DC)(DT)(DA)(DG)(DC)(DA)(DC)(DC)(DG)(DC)(DT)(DT)(DA)(DA)(DA)
(DC)(DG)(DC)(DA)(DC)(DG)(DT)(DA)(DC)(DG)(DG)(DA)(DT)(DT)(DC)(DT)(DC)(DC)(DC)(DC)
(DC)(DG)(DC)(DG)(DT)(DT)(DT)(DT)(DA)(DA)(DC)(DC)(DG)(DC)(DC)(DA)(DA)(DG)(DG)(DG)
(DG)(DA)(DT)(DT)(DA)(DC)(DT)(DC)(DC)(DC)(DT)(DA)(DG)(DT)(DC)(DT)(DC)(DC)(DA)(DG)
(DG)(DC)(DA)(DC)(DG)(DT)(DG)(DT)(DC)(DA)(DG)(DA)(DT)(DA)(DT)(DA)(DT)(DA)(DC)(DA)
(DT)(DC)(DC)(DG)(DA)(DT)
;
I
6 'polydeoxyribonucleotide'
;(DA)(DT)(DC)(DG)(DG)(DA)(DT)(DG)(DT)(DA)(DT)(DA)(DT)(DA)(DT)(DC)(DT)(DG)(DA)(DC)
(DA)(DC)(DG)(DT)(DG)(DC)(DC)(DT)(DG)(DG)(DA)(DG)(DA)(DC)(DT)(DA)(DG)(DG)(DG)(DA)
(DG)(DT)(DA)(DA)(DT)(DC)(DC)(DC)(DC)(DT)(DT)(DG)(DG)(DC)(DG)(DG)(DT)(DT)(DA)(DA)
(DA)(DA)(DC)(DG)(DC)(DG)(DG)(DG)(DG)(DG)(DA)(DG)(DA)(DA)(DT)(DC)(DC)(DG)(DT)(DA)
(DC)(DG)(DT)(DG)(DC)(DG)(DT)(DT)(DT)(DA)(DA)(DG)(DC)(DG)(DG)(DT)(DG)(DC)(DT)(DA)
(DG)(DA)(DG)(DC)(DT)(DG)(DT)(DC)(DT)(DA)(DC)(DG)(DA)(DC)(DC)(DA)(DA)(DT)(DT)(DG)
(DA)(DG)(DC)(DG)(DG)(DC)(DC)(DT)(DC)(DG)(DG)(DC)(DA)(DC)(DC)(DG)(DG)(DG)(DA)(DT)
(DT)(DC)(DT)(DC)(DG)(DA)
;
J
7 'polypeptide(L)'
;SSTFVDWNGPCLRLQYPLFDIEYLRSHEIYSGTPIQSISLRTNSPQPTSLTSDNDTSSVTTAKLQSILFSNYMEEYKVDF
KRSTAIYNPMSEIGKLIEYSCLVFLPSPYAEQLKETILPDLNASFDNSDTKGFVNAINLYNKMIREIPRQRIIDHLETID
KIPRSFIHDFLHIVYTRSIHPQANKLKHYKAFSNYVYGELLPNFLSDVYQQCQLKKGDTFMDLGSGVGNCVVQAALECGC
ALSFGCEIMDDASDLTILQYEELKKRCKLYGMRLNNVEFSLKKSFVDNNRVAELIPQCDVILVNNFLFDEDLNKKVEKIL
QTAKVGCKIISLKSLRSLTYQINFYNVENIFNRLKVQRYDLKEDSVSWTHSGGEYYISTVMEDVDESLFSPAARGRRNRG
TPVKYM
;
K
8 'polypeptide(L)' MQIFVKTLTGKTITLEVEPSDTIENVKAKIQDKEGIPPDQQRLIFAGKQLEDGRTLSDYNIQKESTLHLVLRLRGC L
#
loop_
_chem_comp.id
_chem_comp.type
_chem_comp.name
_chem_comp.formula
DA DNA linking 2'-DEOXYADENOSINE-5'-MONOPHOSPHATE 'C10 H14 N5 O6 P'
DC DNA linking 2'-DEOXYCYTIDINE-5'-MONOPHOSPHATE 'C9 H14 N3 O7 P'
DG DNA linking 2'-DEOXYGUANOSINE-5'-MONOPHOSPHATE 'C10 H14 N5 O7 P'
DT DNA linking THYMIDINE-5'-MONOPHOSPHATE 'C10 H15 N2 O8 P'
SAM non-polymer S-ADENOSYLMETHIONINE 'C15 H22 N6 O5 S'
#
# COMPACT_ATOMS: atom_id res chain seq x y z
N LYS A 1 -55.74 -13.12 7.24
CA LYS A 1 -54.68 -12.12 7.13
C LYS A 1 -53.92 -12.30 5.80
N PRO A 2 -53.07 -11.34 5.44
CA PRO A 2 -52.29 -11.50 4.21
C PRO A 2 -51.34 -12.68 4.31
N HIS A 3 -51.09 -13.30 3.16
CA HIS A 3 -50.19 -14.44 3.11
C HIS A 3 -48.76 -13.98 3.33
N ARG A 4 -48.12 -14.50 4.37
CA ARG A 4 -46.80 -14.06 4.79
C ARG A 4 -45.91 -15.29 4.97
N TYR A 5 -44.75 -15.28 4.32
CA TYR A 5 -43.83 -16.40 4.46
C TYR A 5 -43.11 -16.33 5.79
N ARG A 6 -42.85 -17.50 6.38
CA ARG A 6 -42.14 -17.53 7.64
C ARG A 6 -40.70 -17.08 7.42
N PRO A 7 -39.99 -16.66 8.47
CA PRO A 7 -38.59 -16.25 8.29
C PRO A 7 -37.74 -17.37 7.75
N GLY A 8 -36.81 -17.01 6.87
CA GLY A 8 -35.87 -17.95 6.30
C GLY A 8 -36.28 -18.54 4.97
N THR A 9 -37.57 -18.50 4.64
CA THR A 9 -38.02 -19.04 3.35
C THR A 9 -37.62 -18.11 2.21
N VAL A 10 -37.91 -16.83 2.33
CA VAL A 10 -37.51 -15.89 1.29
C VAL A 10 -36.00 -15.75 1.27
N ALA A 11 -35.33 -15.94 2.41
CA ALA A 11 -33.87 -15.92 2.41
C ALA A 11 -33.31 -17.03 1.53
N LEU A 12 -33.85 -18.24 1.66
CA LEU A 12 -33.46 -19.33 0.78
C LEU A 12 -33.83 -19.04 -0.66
N ARG A 13 -34.97 -18.37 -0.87
CA ARG A 13 -35.38 -18.02 -2.22
C ARG A 13 -34.37 -17.09 -2.88
N GLU A 14 -33.92 -16.06 -2.16
CA GLU A 14 -32.90 -15.17 -2.69
C GLU A 14 -31.56 -15.88 -2.86
N ILE A 15 -31.23 -16.82 -1.98
CA ILE A 15 -30.00 -17.59 -2.17
C ILE A 15 -30.05 -18.34 -3.49
N ARG A 16 -31.16 -19.04 -3.74
CA ARG A 16 -31.29 -19.78 -5.00
C ARG A 16 -31.30 -18.83 -6.18
N ARG A 17 -31.96 -17.67 -6.05
CA ARG A 17 -32.04 -16.73 -7.15
C ARG A 17 -30.66 -16.18 -7.51
N TYR A 18 -29.92 -15.68 -6.53
CA TYR A 18 -28.65 -15.02 -6.81
C TYR A 18 -27.52 -16.01 -7.04
N GLN A 19 -27.66 -17.27 -6.65
CA GLN A 19 -26.62 -18.24 -6.95
C GLN A 19 -26.66 -18.70 -8.40
N LYS A 20 -27.83 -18.73 -9.02
CA LYS A 20 -27.94 -19.08 -10.44
C LYS A 20 -27.77 -17.90 -11.37
N SER A 21 -27.66 -16.68 -10.84
CA SER A 21 -27.48 -15.47 -11.63
C SER A 21 -26.02 -15.05 -11.59
N THR A 22 -25.67 -14.12 -12.50
CA THR A 22 -24.31 -13.62 -12.62
C THR A 22 -24.21 -12.11 -12.64
N GLU A 23 -25.33 -11.38 -12.67
CA GLU A 23 -25.27 -9.93 -12.70
C GLU A 23 -24.65 -9.40 -11.42
N LEU A 24 -24.16 -8.16 -11.50
CA LEU A 24 -23.51 -7.53 -10.36
C LEU A 24 -24.54 -7.16 -9.30
N LEU A 25 -24.26 -7.57 -8.06
CA LEU A 25 -25.14 -7.30 -6.93
C LEU A 25 -24.83 -5.98 -6.24
N ILE A 26 -23.74 -5.30 -6.61
CA ILE A 26 -23.47 -3.94 -6.19
C ILE A 26 -23.77 -3.03 -7.38
N ARG A 27 -24.54 -1.97 -7.13
CA ARG A 27 -24.94 -1.08 -8.22
C ARG A 27 -23.71 -0.36 -8.77
N LYS A 28 -23.77 -0.03 -10.07
CA LYS A 28 -22.57 0.40 -10.78
C LYS A 28 -22.10 1.76 -10.30
N LEU A 29 -22.99 2.75 -10.25
CA LEU A 29 -22.58 4.12 -9.92
C LEU A 29 -22.04 4.26 -8.50
N PRO A 30 -22.68 3.71 -7.46
CA PRO A 30 -22.09 3.81 -6.11
C PRO A 30 -20.71 3.18 -6.03
N PHE A 31 -20.49 2.04 -6.67
CA PHE A 31 -19.17 1.43 -6.64
C PHE A 31 -18.16 2.28 -7.40
N GLN A 32 -18.57 2.86 -8.52
CA GLN A 32 -17.67 3.74 -9.27
C GLN A 32 -17.28 4.95 -8.43
N ARG A 33 -18.24 5.54 -7.73
CA ARG A 33 -17.93 6.67 -6.87
C ARG A 33 -17.01 6.26 -5.73
N LEU A 34 -17.23 5.07 -5.16
CA LEU A 34 -16.34 4.59 -4.11
C LEU A 34 -14.92 4.43 -4.63
N VAL A 35 -14.78 3.86 -5.83
CA VAL A 35 -13.45 3.68 -6.43
C VAL A 35 -12.78 5.03 -6.64
N ARG A 36 -13.52 5.99 -7.19
CA ARG A 36 -12.95 7.30 -7.45
C ARG A 36 -12.52 7.99 -6.16
N GLU A 37 -13.32 7.86 -5.10
CA GLU A 37 -12.92 8.44 -3.82
C GLU A 37 -11.65 7.77 -3.29
N ILE A 38 -11.58 6.44 -3.40
CA ILE A 38 -10.40 5.74 -2.89
C ILE A 38 -9.17 6.17 -3.67
N ALA A 39 -9.33 6.49 -4.96
CA ALA A 39 -8.23 7.00 -5.75
C ALA A 39 -8.06 8.51 -5.64
N GLN A 40 -8.95 9.23 -4.96
CA GLN A 40 -8.75 10.66 -4.75
C GLN A 40 -7.62 10.96 -3.78
N ASP A 41 -7.14 9.96 -3.03
CA ASP A 41 -6.05 10.19 -2.08
C ASP A 41 -4.81 10.72 -2.79
N PHE A 42 -4.56 10.26 -4.00
CA PHE A 42 -3.45 10.79 -4.79
C PHE A 42 -3.85 12.12 -5.40
N MET A 43 -2.92 13.08 -5.39
CA MET A 43 -3.25 14.44 -5.82
C MET A 43 -3.58 14.49 -7.31
N THR A 44 -3.05 13.56 -8.09
CA THR A 44 -3.30 13.55 -9.52
C THR A 44 -4.77 13.22 -9.80
N ASP A 45 -5.27 13.72 -10.93
CA ASP A 45 -6.60 13.35 -11.40
C ASP A 45 -6.50 12.09 -12.26
N LEU A 46 -7.18 11.03 -11.84
CA LEU A 46 -7.16 9.75 -12.54
C LEU A 46 -8.47 9.54 -13.29
N ARG A 47 -8.40 8.77 -14.37
CA ARG A 47 -9.50 8.66 -15.33
C ARG A 47 -10.28 7.36 -15.24
N PHE A 48 -9.66 6.23 -14.88
CA PHE A 48 -10.39 4.98 -14.63
C PHE A 48 -11.19 4.56 -15.86
N GLN A 49 -10.44 4.10 -16.87
CA GLN A 49 -11.02 3.47 -18.06
C GLN A 49 -12.19 2.56 -17.67
N SER A 50 -13.26 2.66 -18.45
CA SER A 50 -14.56 2.11 -18.03
C SER A 50 -14.47 0.62 -17.75
N SER A 51 -13.61 -0.10 -18.47
CA SER A 51 -13.42 -1.52 -18.16
C SER A 51 -12.73 -1.72 -16.82
N ALA A 52 -11.93 -0.76 -16.38
CA ALA A 52 -11.21 -0.93 -15.13
C ALA A 52 -12.15 -0.91 -13.93
N VAL A 53 -13.14 -0.01 -13.93
CA VAL A 53 -14.10 0.03 -12.83
C VAL A 53 -14.92 -1.25 -12.81
N MET A 54 -15.30 -1.75 -13.99
CA MET A 54 -16.02 -3.01 -14.06
C MET A 54 -15.18 -4.16 -13.52
N ALA A 55 -13.89 -4.19 -13.86
CA ALA A 55 -13.01 -5.24 -13.35
C ALA A 55 -12.86 -5.15 -11.84
N LEU A 56 -12.74 -3.93 -11.32
CA LEU A 56 -12.70 -3.75 -9.87
C LEU A 56 -13.98 -4.28 -9.23
N GLN A 57 -15.12 -4.03 -9.87
CA GLN A 57 -16.38 -4.51 -9.30
C GLN A 57 -16.47 -6.03 -9.33
N GLU A 58 -16.05 -6.65 -10.44
CA GLU A 58 -15.98 -8.11 -10.47
C GLU A 58 -15.10 -8.65 -9.35
N ALA A 59 -13.90 -8.11 -9.20
CA ALA A 59 -12.98 -8.62 -8.20
C ALA A 59 -13.52 -8.42 -6.80
N SER A 60 -14.09 -7.23 -6.53
CA SER A 60 -14.62 -6.95 -5.20
C SER A 60 -15.81 -7.85 -4.88
N GLU A 61 -16.72 -8.03 -5.83
CA GLU A 61 -17.86 -8.90 -5.59
C GLU A 61 -17.42 -10.35 -5.37
N ALA A 62 -16.46 -10.83 -6.17
CA ALA A 62 -15.98 -12.19 -5.98
C ALA A 62 -15.31 -12.35 -4.62
N TYR A 63 -14.50 -11.37 -4.22
CA TYR A 63 -13.84 -11.43 -2.93
C TYR A 63 -14.85 -11.45 -1.79
N LEU A 64 -15.85 -10.56 -1.86
CA LEU A 64 -16.84 -10.50 -0.79
C LEU A 64 -17.71 -11.74 -0.77
N VAL A 65 -18.01 -12.31 -1.94
CA VAL A 65 -18.84 -13.52 -1.97
C VAL A 65 -18.08 -14.70 -1.39
N ALA A 66 -16.79 -14.85 -1.74
CA ALA A 66 -15.98 -15.90 -1.13
C ALA A 66 -15.85 -15.68 0.37
N LEU A 67 -15.70 -14.41 0.77
CA LEU A 67 -15.61 -14.10 2.20
C LEU A 67 -16.90 -14.48 2.91
N PHE A 68 -18.05 -14.26 2.28
CA PHE A 68 -19.31 -14.62 2.92
C PHE A 68 -19.54 -16.13 2.92
N GLU A 69 -19.02 -16.84 1.91
CA GLU A 69 -19.03 -18.30 1.98
C GLU A 69 -18.24 -18.78 3.19
N ASP A 70 -17.03 -18.23 3.37
CA ASP A 70 -16.21 -18.59 4.51
C ASP A 70 -16.88 -18.20 5.82
N THR A 71 -17.51 -17.03 5.86
CA THR A 71 -18.20 -16.57 7.06
C THR A 71 -19.38 -17.48 7.38
N ASN A 72 -20.12 -17.91 6.37
CA ASN A 72 -21.23 -18.83 6.60
C ASN A 72 -20.72 -20.17 7.11
N LEU A 73 -19.60 -20.65 6.58
CA LEU A 73 -19.03 -21.90 7.10
C LEU A 73 -18.61 -21.74 8.55
N CYS A 74 -18.02 -20.60 8.91
CA CYS A 74 -17.64 -20.36 10.30
C CYS A 74 -18.86 -20.31 11.20
N ALA A 75 -19.92 -19.62 10.76
CA ALA A 75 -21.13 -19.51 11.58
C ALA A 75 -21.80 -20.87 11.75
N ILE A 76 -21.87 -21.65 10.68
CA ILE A 76 -22.46 -22.99 10.77
C ILE A 76 -21.60 -23.89 11.64
N HIS A 77 -20.29 -23.66 11.66
CA HIS A 77 -19.42 -24.41 12.56
C HIS A 77 -19.72 -24.08 14.01
N ALA A 78 -20.13 -22.85 14.29
CA ALA A 78 -20.46 -22.42 15.64
C ALA A 78 -21.89 -22.73 16.05
N LYS A 79 -22.55 -23.67 15.36
CA LYS A 79 -23.94 -24.06 15.65
C LYS A 79 -24.88 -22.85 15.57
N ARG A 80 -24.72 -22.07 14.50
CA ARG A 80 -25.55 -20.90 14.24
C ARG A 80 -25.74 -20.75 12.75
N VAL A 81 -26.84 -20.08 12.37
CA VAL A 81 -27.13 -19.74 10.99
C VAL A 81 -26.93 -18.26 10.70
N THR A 82 -26.75 -17.43 11.72
CA THR A 82 -26.59 -15.99 11.56
C THR A 82 -25.11 -15.64 11.60
N ILE A 83 -24.58 -15.19 10.47
CA ILE A 83 -23.21 -14.69 10.43
C ILE A 83 -23.12 -13.42 11.25
N MET A 84 -22.00 -13.24 11.94
CA MET A 84 -21.73 -12.10 12.80
C MET A 84 -20.33 -11.60 12.52
N PRO A 85 -20.00 -10.36 12.91
CA PRO A 85 -18.67 -9.81 12.58
C PRO A 85 -17.52 -10.64 13.10
N LYS A 86 -17.70 -11.29 14.25
CA LYS A 86 -16.72 -12.27 14.71
C LYS A 86 -16.45 -13.33 13.66
N ASP A 87 -17.48 -13.76 12.92
CA ASP A 87 -17.29 -14.77 11.89
C ASP A 87 -16.41 -14.24 10.76
N ILE A 88 -16.67 -13.01 10.30
CA ILE A 88 -15.84 -12.43 9.25
C ILE A 88 -14.40 -12.26 9.73
N GLN A 89 -14.23 -11.84 10.98
CA GLN A 89 -12.89 -11.67 11.51
C GLN A 89 -12.16 -13.00 11.57
N LEU A 90 -12.85 -14.07 11.99
CA LEU A 90 -12.23 -15.39 12.01
C LEU A 90 -11.86 -15.84 10.60
N ALA A 91 -12.75 -15.61 9.63
CA ALA A 91 -12.47 -16.05 8.27
C ALA A 91 -11.25 -15.32 7.71
N ARG A 92 -11.16 -14.01 7.93
CA ARG A 92 -10.02 -13.25 7.43
C ARG A 92 -8.74 -13.59 8.19
N ARG A 93 -8.85 -13.95 9.48
CA ARG A 93 -7.67 -14.35 10.23
C ARG A 93 -7.14 -15.69 9.74
N ILE A 94 -8.04 -16.66 9.52
CA ILE A 94 -7.59 -17.97 9.05
C ILE A 94 -7.06 -17.87 7.62
N ARG A 95 -7.69 -17.03 6.80
CA ARG A 95 -7.22 -16.85 5.42
C ARG A 95 -5.80 -16.31 5.36
N GLY A 96 -5.34 -15.61 6.39
CA GLY A 96 -4.05 -14.94 6.38
C GLY A 96 -4.11 -13.45 6.07
N GLU A 97 -5.30 -12.86 6.01
CA GLU A 97 -5.46 -11.44 5.76
C GLU A 97 -5.39 -10.60 7.02
N ARG A 98 -5.23 -11.21 8.19
CA ARG A 98 -5.15 -10.47 9.44
C ARG A 98 -4.67 -11.37 10.57
N GLY B 1 -30.52 26.99 6.36
CA GLY B 1 -29.14 27.42 6.19
C GLY B 1 -28.16 26.26 6.13
N LYS B 2 -27.40 26.19 5.05
CA LYS B 2 -26.41 25.14 4.84
C LYS B 2 -25.17 25.73 4.17
N GLY B 3 -24.00 25.34 4.67
CA GLY B 3 -22.76 25.79 4.09
C GLY B 3 -22.28 24.91 2.95
N GLY B 4 -21.23 25.36 2.26
CA GLY B 4 -20.66 24.62 1.16
C GLY B 4 -19.22 25.01 0.94
N ALA B 5 -18.57 24.27 0.04
CA ALA B 5 -17.17 24.51 -0.28
C ALA B 5 -16.91 24.25 -1.76
OH ALY B 6 -14.90 23.27 -10.37
CH ALY B 6 -15.43 22.30 -9.81
CH3 ALY B 6 -16.00 21.15 -10.60
NZ ALY B 6 -15.49 22.23 -8.43
CE ALY B 6 -16.11 21.09 -7.72
CD ALY B 6 -16.07 21.34 -6.21
CG ALY B 6 -16.96 22.54 -5.91
CB ALY B 6 -17.33 22.67 -4.43
CA ALY B 6 -16.10 22.65 -3.46
N ALY B 6 -16.46 23.03 -2.08
C ALY B 6 -14.99 23.60 -4.03
O ALY B 6 -15.30 24.72 -4.49
N ARG B 7 -13.74 23.14 -4.00
CA ARG B 7 -12.59 23.93 -4.44
C ARG B 7 -12.31 23.63 -5.92
N HIS B 8 -11.16 23.03 -6.26
CA HIS B 8 -10.84 22.72 -7.65
C HIS B 8 -11.32 21.34 -8.09
N ARG B 9 -11.73 20.48 -7.16
CA ARG B 9 -12.16 19.12 -7.45
C ARG B 9 -13.41 18.82 -6.65
N LYS B 10 -14.28 17.99 -7.22
CA LYS B 10 -15.47 17.52 -6.51
C LYS B 10 -15.04 16.46 -5.50
N VAL B 11 -14.80 16.90 -4.27
CA VAL B 11 -14.28 16.01 -3.23
C VAL B 11 -15.40 15.05 -2.83
N LEU B 12 -15.27 13.80 -3.24
CA LEU B 12 -16.30 12.81 -2.93
C LEU B 12 -16.37 12.56 -1.44
N ARG B 13 -17.58 12.36 -0.94
CA ARG B 13 -17.83 12.13 0.48
C ARG B 13 -17.47 10.69 0.83
N ASP B 14 -17.86 10.23 2.02
CA ASP B 14 -17.50 8.89 2.49
C ASP B 14 -17.87 7.82 1.48
N ASN B 15 -19.07 7.91 0.88
CA ASN B 15 -19.49 7.13 -0.30
C ASN B 15 -19.30 5.61 -0.14
N ILE B 16 -19.14 5.12 1.09
CA ILE B 16 -19.13 3.69 1.35
C ILE B 16 -20.51 3.22 1.78
N GLN B 17 -21.36 4.12 2.27
CA GLN B 17 -22.78 3.84 2.41
C GLN B 17 -23.45 3.61 1.06
N GLY B 18 -22.82 4.03 -0.03
CA GLY B 18 -23.32 3.65 -1.35
C GLY B 18 -23.33 2.14 -1.56
N ILE B 19 -22.45 1.43 -0.85
CA ILE B 19 -22.56 -0.02 -0.75
C ILE B 19 -23.65 -0.29 0.27
N THR B 20 -24.90 -0.35 -0.19
CA THR B 20 -26.04 -0.28 0.70
C THR B 20 -26.23 -1.59 1.44
N LYS B 21 -27.11 -1.55 2.44
CA LYS B 21 -27.45 -2.77 3.18
C LYS B 21 -28.04 -3.83 2.28
N PRO B 22 -28.99 -3.54 1.37
CA PRO B 22 -29.43 -4.57 0.43
C PRO B 22 -28.32 -5.12 -0.46
N ALA B 23 -27.33 -4.30 -0.83
CA ALA B 23 -26.24 -4.81 -1.65
C ALA B 23 -25.43 -5.85 -0.89
N ILE B 24 -25.10 -5.57 0.36
CA ILE B 24 -24.38 -6.54 1.18
C ILE B 24 -25.25 -7.77 1.42
N ARG B 25 -26.56 -7.55 1.58
CA ARG B 25 -27.47 -8.66 1.76
C ARG B 25 -27.46 -9.58 0.55
N ARG B 26 -27.50 -9.01 -0.66
CA ARG B 26 -27.44 -9.81 -1.88
C ARG B 26 -26.11 -10.53 -2.00
N LEU B 27 -25.01 -9.85 -1.66
CA LEU B 27 -23.71 -10.50 -1.72
C LEU B 27 -23.64 -11.69 -0.78
N ALA B 28 -24.16 -11.54 0.44
CA ALA B 28 -24.21 -12.66 1.38
C ALA B 28 -25.11 -13.77 0.87
N ARG B 29 -26.26 -13.41 0.28
CA ARG B 29 -27.20 -14.41 -0.21
C ARG B 29 -26.58 -15.23 -1.33
N ARG B 30 -25.80 -14.60 -2.20
CA ARG B 30 -25.08 -15.36 -3.22
C ARG B 30 -24.09 -16.32 -2.60
N GLY B 31 -23.56 -15.99 -1.43
CA GLY B 31 -22.63 -16.85 -0.72
C GLY B 31 -23.26 -17.96 0.08
N GLY B 32 -24.59 -18.09 0.05
CA GLY B 32 -25.26 -19.12 0.81
C GLY B 32 -25.59 -18.76 2.23
N VAL B 33 -25.77 -17.47 2.53
CA VAL B 33 -26.05 -16.99 3.87
C VAL B 33 -27.56 -16.89 4.05
N LYS B 34 -28.10 -17.59 5.04
CA LYS B 34 -29.54 -17.58 5.30
C LYS B 34 -29.94 -16.42 6.21
N ARG B 35 -29.09 -16.04 7.15
CA ARG B 35 -29.39 -15.01 8.12
C ARG B 35 -28.14 -14.15 8.32
N ILE B 36 -28.35 -12.84 8.43
CA ILE B 36 -27.26 -11.87 8.46
C ILE B 36 -27.46 -11.00 9.69
N SER B 37 -26.44 -10.91 10.54
CA SER B 37 -26.52 -10.05 11.71
C SER B 37 -26.47 -8.58 11.29
N GLY B 38 -26.96 -7.72 12.17
CA GLY B 38 -27.07 -6.31 11.84
C GLY B 38 -25.72 -5.61 11.75
N LEU B 39 -24.72 -6.14 12.44
CA LEU B 39 -23.38 -5.57 12.42
C LEU B 39 -22.55 -6.05 11.24
N ILE B 40 -23.07 -6.96 10.42
CA ILE B 40 -22.34 -7.42 9.24
C ILE B 40 -22.15 -6.30 8.24
N TYR B 41 -23.06 -5.33 8.20
CA TYR B 41 -23.03 -4.36 7.13
C TYR B 41 -21.82 -3.41 7.29
N GLU B 42 -21.63 -2.87 8.49
CA GLU B 42 -20.48 -2.00 8.71
C GLU B 42 -19.17 -2.75 8.58
N GLU B 43 -19.11 -3.97 9.13
CA GLU B 43 -17.89 -4.76 9.04
C GLU B 43 -17.55 -5.07 7.58
N THR B 44 -18.55 -5.44 6.79
CA THR B 44 -18.30 -5.76 5.38
C THR B 44 -17.94 -4.51 4.61
N ARG B 45 -18.52 -3.37 4.94
CA ARG B 45 -18.11 -2.12 4.31
C ARG B 45 -16.64 -1.83 4.60
N GLY B 46 -16.22 -2.04 5.85
CA GLY B 46 -14.81 -1.85 6.17
C GLY B 46 -13.90 -2.81 5.43
N VAL B 47 -14.29 -4.08 5.34
CA VAL B 47 -13.49 -5.07 4.64
C VAL B 47 -13.39 -4.73 3.16
N LEU B 48 -14.52 -4.35 2.55
CA LEU B 48 -14.52 -3.96 1.15
C LEU B 48 -13.64 -2.74 0.93
N LYS B 49 -13.71 -1.77 1.85
CA LYS B 49 -12.88 -0.58 1.70
C LYS B 49 -11.40 -0.95 1.77
N VAL B 50 -11.02 -1.81 2.71
CA VAL B 50 -9.61 -2.19 2.83
C VAL B 50 -9.14 -2.90 1.57
N PHE B 51 -9.95 -3.84 1.06
CA PHE B 51 -9.58 -4.57 -0.14
C PHE B 51 -9.46 -3.63 -1.33
N LEU B 52 -10.40 -2.69 -1.46
CA LEU B 52 -10.38 -1.77 -2.59
C LEU B 52 -9.20 -0.82 -2.50
N GLU B 53 -8.87 -0.35 -1.29
CA GLU B 53 -7.69 0.49 -1.15
C GLU B 53 -6.43 -0.26 -1.56
N ASN B 54 -6.31 -1.53 -1.15
CA ASN B 54 -5.12 -2.29 -1.55
C ASN B 54 -5.05 -2.45 -3.06
N VAL B 55 -6.16 -2.88 -3.69
CA VAL B 55 -6.14 -3.14 -5.12
C VAL B 55 -5.94 -1.84 -5.90
N ILE B 56 -6.62 -0.77 -5.51
CA ILE B 56 -6.49 0.49 -6.23
C ILE B 56 -5.12 1.09 -6.01
N ARG B 57 -4.52 0.91 -4.82
CA ARG B 57 -3.16 1.40 -4.62
C ARG B 57 -2.19 0.68 -5.55
N ASP B 58 -2.32 -0.64 -5.66
CA ASP B 58 -1.46 -1.36 -6.59
C ASP B 58 -1.70 -0.93 -8.04
N ALA B 59 -2.97 -0.78 -8.43
CA ALA B 59 -3.28 -0.39 -9.81
C ALA B 59 -2.76 1.01 -10.11
N VAL B 60 -2.89 1.94 -9.17
CA VAL B 60 -2.41 3.29 -9.39
C VAL B 60 -0.89 3.33 -9.37
N THR B 61 -0.25 2.44 -8.62
CA THR B 61 1.21 2.32 -8.73
C THR B 61 1.62 1.86 -10.12
N TYR B 62 0.90 0.87 -10.66
CA TYR B 62 1.16 0.43 -12.03
C TYR B 62 0.96 1.56 -13.02
N THR B 63 -0.10 2.34 -12.83
CA THR B 63 -0.36 3.50 -13.68
C THR B 63 0.75 4.53 -13.55
N GLU B 64 1.24 4.75 -12.32
CA GLU B 64 2.31 5.70 -12.09
C GLU B 64 3.57 5.30 -12.85
N HIS B 65 3.91 4.01 -12.81
CA HIS B 65 5.08 3.56 -13.55
C HIS B 65 4.92 3.77 -15.05
N ALA B 66 3.69 3.66 -15.56
CA ALA B 66 3.43 3.81 -16.98
C ALA B 66 3.32 5.26 -17.43
N LYS B 67 3.41 6.21 -16.51
CA LYS B 67 3.31 7.64 -16.84
C LYS B 67 1.98 7.96 -17.50
N ARG B 68 0.90 7.42 -16.93
CA ARG B 68 -0.44 7.57 -17.44
C ARG B 68 -1.35 8.18 -16.39
N LYS B 69 -2.40 8.86 -16.86
CA LYS B 69 -3.45 9.40 -16.01
C LYS B 69 -4.70 8.52 -16.00
N THR B 70 -4.65 7.34 -16.61
CA THR B 70 -5.80 6.48 -16.78
C THR B 70 -5.48 5.11 -16.19
N VAL B 71 -6.31 4.66 -15.25
CA VAL B 71 -6.18 3.32 -14.70
C VAL B 71 -6.83 2.35 -15.68
N THR B 72 -6.02 1.77 -16.56
CA THR B 72 -6.54 0.85 -17.54
C THR B 72 -7.03 -0.43 -16.88
N ALA B 73 -7.79 -1.22 -17.63
CA ALA B 73 -8.22 -2.52 -17.13
C ALA B 73 -7.03 -3.43 -16.87
N MET B 74 -5.97 -3.29 -17.67
CA MET B 74 -4.78 -4.10 -17.47
C MET B 74 -4.13 -3.81 -16.12
N ASP B 75 -4.16 -2.55 -15.69
CA ASP B 75 -3.61 -2.20 -14.38
C ASP B 75 -4.35 -2.91 -13.26
N VAL B 76 -5.69 -2.91 -13.32
CA VAL B 76 -6.48 -3.58 -12.30
C VAL B 76 -6.23 -5.08 -12.34
N VAL B 77 -6.15 -5.65 -13.55
CA VAL B 77 -5.94 -7.08 -13.67
C VAL B 77 -4.58 -7.47 -13.10
N TYR B 78 -3.55 -6.67 -13.37
CA TYR B 78 -2.23 -6.98 -12.84
C TYR B 78 -2.17 -6.78 -11.33
N ALA B 79 -2.86 -5.76 -10.82
CA ALA B 79 -2.91 -5.57 -9.37
C ALA B 79 -3.59 -6.75 -8.69
N LEU B 80 -4.68 -7.23 -9.28
CA LEU B 80 -5.38 -8.38 -8.71
C LEU B 80 -4.54 -9.66 -8.81
N LYS B 81 -3.83 -9.82 -9.93
CA LYS B 81 -2.96 -10.98 -10.07
C LYS B 81 -1.81 -10.94 -9.08
N ARG B 82 -1.36 -9.74 -8.72
CA ARG B 82 -0.30 -9.62 -7.72
C ARG B 82 -0.75 -10.14 -6.37
N GLN B 83 -2.01 -9.89 -6.01
CA GLN B 83 -2.56 -10.33 -4.74
C GLN B 83 -3.03 -11.79 -4.76
N GLY B 84 -2.84 -12.51 -5.86
CA GLY B 84 -3.39 -13.84 -5.99
C GLY B 84 -4.86 -13.87 -6.34
N ARG B 85 -5.43 -12.74 -6.75
CA ARG B 85 -6.85 -12.61 -7.09
C ARG B 85 -7.05 -12.56 -8.60
N THR B 86 -6.29 -13.37 -9.35
CA THR B 86 -6.22 -13.33 -10.80
C THR B 86 -7.60 -13.29 -11.45
N LEU B 87 -7.85 -12.23 -12.21
CA LEU B 87 -9.15 -11.95 -12.81
C LEU B 87 -9.09 -12.19 -14.30
N TYR B 88 -10.07 -12.93 -14.82
CA TYR B 88 -10.18 -13.24 -16.24
C TYR B 88 -11.29 -12.42 -16.89
N GLY B 89 -11.20 -12.27 -18.20
CA GLY B 89 -12.21 -11.60 -18.98
C GLY B 89 -11.91 -10.15 -19.32
N PHE B 90 -10.83 -9.59 -18.78
CA PHE B 90 -10.44 -8.20 -19.05
C PHE B 90 -9.07 -8.08 -19.68
N GLY B 91 -8.40 -9.19 -19.97
CA GLY B 91 -7.09 -9.14 -20.60
C GLY B 91 -6.32 -10.43 -20.45
N ALA C 1 43.42 2.81 -14.34
CA ALA C 1 43.29 3.52 -13.07
C ALA C 1 42.99 2.54 -11.94
N LYS C 2 43.09 3.04 -10.71
CA LYS C 2 42.82 2.20 -9.55
C LYS C 2 41.35 1.81 -9.50
N ALA C 3 41.09 0.52 -9.24
CA ALA C 3 39.73 0.02 -9.21
C ALA C 3 39.01 0.52 -7.96
N LYS C 4 37.77 0.99 -8.14
CA LYS C 4 36.92 1.44 -7.04
C LYS C 4 35.57 0.77 -7.20
N THR C 5 35.18 -0.03 -6.20
CA THR C 5 33.93 -0.77 -6.28
C THR C 5 32.75 0.19 -6.30
N ARG C 6 31.74 -0.16 -7.10
CA ARG C 6 30.52 0.66 -7.17
C ARG C 6 29.78 0.66 -5.85
N SER C 7 29.92 -0.39 -5.05
CA SER C 7 29.34 -0.40 -3.72
C SER C 7 29.94 0.71 -2.86
N SER C 8 31.25 0.92 -2.98
CA SER C 8 31.88 2.03 -2.28
C SER C 8 31.36 3.38 -2.80
N ARG C 9 31.13 3.48 -4.11
CA ARG C 9 30.60 4.72 -4.68
C ARG C 9 29.24 5.04 -4.12
N ALA C 10 28.37 4.04 -4.01
CA ALA C 10 27.01 4.23 -3.50
C ALA C 10 26.94 4.22 -1.98
N GLY C 11 28.06 3.99 -1.29
CA GLY C 11 28.03 3.90 0.16
C GLY C 11 27.23 2.71 0.65
N LEU C 12 27.33 1.59 -0.05
CA LEU C 12 26.54 0.40 0.23
C LEU C 12 27.49 -0.73 0.62
N GLN C 13 27.10 -1.52 1.63
CA GLN C 13 27.85 -2.72 1.95
C GLN C 13 27.58 -3.86 0.98
N PHE C 14 26.37 -3.91 0.41
CA PHE C 14 26.02 -5.03 -0.45
C PHE C 14 26.69 -4.91 -1.82
N PRO C 15 26.83 -6.03 -2.54
CA PRO C 15 27.63 -6.04 -3.77
C PRO C 15 26.87 -5.55 -5.00
N VAL C 16 26.92 -4.25 -5.26
CA VAL C 16 26.24 -3.69 -6.44
C VAL C 16 26.64 -4.42 -7.71
N GLY C 17 27.93 -4.75 -7.83
CA GLY C 17 28.38 -5.47 -9.02
C GLY C 17 27.76 -6.86 -9.14
N ARG C 18 27.73 -7.61 -8.04
CA ARG C 18 27.12 -8.93 -8.08
C ARG C 18 25.63 -8.83 -8.36
N VAL C 19 24.97 -7.79 -7.84
CA VAL C 19 23.54 -7.60 -8.11
C VAL C 19 23.33 -7.33 -9.60
N HIS C 20 24.19 -6.50 -10.20
CA HIS C 20 24.07 -6.25 -11.63
C HIS C 20 24.28 -7.52 -12.43
N ARG C 21 25.29 -8.32 -12.05
CA ARG C 21 25.55 -9.55 -12.79
C ARG C 21 24.41 -10.55 -12.62
N LEU C 22 23.81 -10.59 -11.43
CA LEU C 22 22.66 -11.46 -11.22
C LEU C 22 21.46 -11.01 -12.04
N LEU C 23 21.24 -9.71 -12.12
CA LEU C 23 20.15 -9.19 -12.95
C LEU C 23 20.37 -9.53 -14.42
N ARG C 24 21.60 -9.37 -14.90
CA ARG C 24 21.89 -9.69 -16.30
C ARG C 24 21.77 -11.19 -16.56
N LYS C 25 22.34 -12.02 -15.69
CA LYS C 25 22.33 -13.46 -15.86
C LYS C 25 21.04 -14.12 -15.41
N GLY C 26 20.20 -13.42 -14.65
CA GLY C 26 18.91 -13.93 -14.28
C GLY C 26 17.87 -13.83 -15.38
N ASN C 27 18.18 -13.13 -16.46
CA ASN C 27 17.28 -12.96 -17.60
C ASN C 27 15.95 -12.33 -17.15
N TYR C 28 16.06 -11.30 -16.32
CA TYR C 28 14.88 -10.52 -15.96
C TYR C 28 14.48 -9.57 -17.07
N ALA C 29 15.42 -9.16 -17.91
CA ALA C 29 15.11 -8.37 -19.10
C ALA C 29 16.28 -8.46 -20.06
N GLU C 30 16.04 -7.98 -21.28
CA GLU C 30 17.10 -7.96 -22.29
C GLU C 30 18.24 -7.05 -21.84
N ARG C 31 17.90 -5.91 -21.25
CA ARG C 31 18.87 -4.92 -20.81
C ARG C 31 18.55 -4.51 -19.37
N VAL C 32 19.58 -4.09 -18.65
CA VAL C 32 19.46 -3.72 -17.24
C VAL C 32 20.10 -2.35 -17.05
N GLY C 33 19.34 -1.44 -16.44
CA GLY C 33 19.84 -0.09 -16.24
C GLY C 33 21.04 -0.04 -15.32
N ALA C 34 21.82 1.02 -15.47
CA ALA C 34 23.01 1.19 -14.63
C ALA C 34 22.64 1.49 -13.18
N GLY C 35 21.59 2.28 -12.96
CA GLY C 35 21.16 2.59 -11.61
C GLY C 35 20.29 1.55 -10.95
N ALA C 36 19.78 0.59 -11.73
CA ALA C 36 18.97 -0.48 -11.15
C ALA C 36 19.73 -1.33 -10.12
N PRO C 37 20.92 -1.85 -10.41
CA PRO C 37 21.61 -2.64 -9.37
C PRO C 37 21.93 -1.86 -8.12
N VAL C 38 22.25 -0.58 -8.23
CA VAL C 38 22.48 0.25 -7.05
C VAL C 38 21.22 0.31 -6.20
N TYR C 39 20.07 0.57 -6.84
CA TYR C 39 18.81 0.66 -6.13
C TYR C 39 18.46 -0.66 -5.46
N LEU C 40 18.61 -1.77 -6.19
CA LEU C 40 18.24 -3.07 -5.64
C LEU C 40 19.17 -3.46 -4.49
N ALA C 41 20.48 -3.20 -4.64
CA ALA C 41 21.40 -3.50 -3.56
C ALA C 41 21.10 -2.66 -2.33
N ALA C 42 20.76 -1.39 -2.54
CA ALA C 42 20.41 -0.53 -1.39
C ALA C 42 19.17 -1.04 -0.69
N VAL C 43 18.16 -1.46 -1.45
CA VAL C 43 16.93 -1.97 -0.84
C VAL C 43 17.22 -3.24 -0.06
N LEU C 44 17.99 -4.16 -0.64
CA LEU C 44 18.34 -5.40 0.05
C LEU C 44 19.14 -5.11 1.31
N GLU C 45 20.08 -4.18 1.25
CA GLU C 45 20.87 -3.82 2.42
C GLU C 45 19.97 -3.22 3.49
N TYR C 46 19.01 -2.38 3.11
CA TYR C 46 18.13 -1.78 4.09
C TYR C 46 17.28 -2.83 4.79
N LEU C 47 16.71 -3.75 4.02
CA LEU C 47 15.87 -4.78 4.63
C LEU C 47 16.70 -5.68 5.53
N THR C 48 17.91 -6.05 5.09
CA THR C 48 18.79 -6.83 5.94
C THR C 48 19.16 -6.05 7.20
N ALA C 49 19.43 -4.76 7.08
CA ALA C 49 19.78 -3.97 8.25
C ALA C 49 18.63 -3.90 9.24
N GLU C 50 17.40 -3.76 8.74
CA GLU C 50 16.26 -3.72 9.64
C GLU C 50 16.09 -5.06 10.37
N ILE C 51 16.13 -6.16 9.63
CA ILE C 51 15.92 -7.47 10.26
C ILE C 51 17.05 -7.77 11.24
N LEU C 52 18.30 -7.44 10.86
CA LEU C 52 19.42 -7.67 11.75
C LEU C 52 19.36 -6.78 12.99
N GLU C 53 18.89 -5.54 12.85
CA GLU C 53 18.76 -4.68 14.01
C GLU C 53 17.74 -5.24 14.98
N LEU C 54 16.58 -5.65 14.48
CA LEU C 54 15.56 -6.22 15.36
C LEU C 54 16.03 -7.55 15.95
N ALA C 55 16.73 -8.37 15.17
CA ALA C 55 17.22 -9.64 15.69
C ALA C 55 18.29 -9.44 16.75
N GLY C 56 19.18 -8.46 16.56
CA GLY C 56 20.15 -8.16 17.59
C GLY C 56 19.51 -7.61 18.84
N ASN C 57 18.44 -6.83 18.69
CA ASN C 57 17.67 -6.41 19.85
C ASN C 57 17.09 -7.61 20.58
N ALA C 58 16.56 -8.58 19.83
CA ALA C 58 16.03 -9.79 20.45
C ALA C 58 17.12 -10.55 21.19
N ALA C 59 18.30 -10.68 20.57
CA ALA C 59 19.40 -11.40 21.20
C ALA C 59 19.87 -10.70 22.46
N ARG C 60 19.97 -9.37 22.42
CA ARG C 60 20.36 -8.61 23.60
C ARG C 60 19.33 -8.77 24.72
N ASP C 61 18.04 -8.73 24.37
CA ASP C 61 17.00 -8.96 25.37
C ASP C 61 17.05 -10.38 25.93
N ASN C 62 17.57 -11.33 25.17
CA ASN C 62 17.75 -12.71 25.63
C ASN C 62 19.13 -12.95 26.23
N LYS C 63 19.93 -11.89 26.43
CA LYS C 63 21.27 -12.01 27.00
C LYS C 63 22.15 -12.95 26.17
N LYS C 64 22.06 -12.81 24.84
CA LYS C 64 22.90 -13.55 23.91
C LYS C 64 23.48 -12.58 22.89
N THR C 65 24.77 -12.73 22.60
CA THR C 65 25.47 -11.88 21.66
C THR C 65 25.63 -12.51 20.28
N ARG C 66 24.89 -13.57 19.99
CA ARG C 66 24.98 -14.27 18.71
C ARG C 66 23.57 -14.51 18.19
N ILE C 67 23.28 -14.02 17.00
CA ILE C 67 21.94 -14.16 16.43
C ILE C 67 21.74 -15.59 15.95
N ILE C 68 20.64 -16.19 16.38
CA ILE C 68 20.27 -17.55 16.00
C ILE C 68 18.96 -17.48 15.22
N PRO C 69 18.48 -18.58 14.64
CA PRO C 69 17.19 -18.51 13.92
C PRO C 69 16.02 -18.07 14.78
N ARG C 70 16.05 -18.38 16.07
CA ARG C 70 14.95 -17.97 16.94
C ARG C 70 14.86 -16.45 17.02
N HIS C 71 16.01 -15.78 17.10
CA HIS C 71 15.99 -14.32 17.19
C HIS C 71 15.49 -13.70 15.88
N LEU C 72 15.86 -14.29 14.75
CA LEU C 72 15.33 -13.83 13.47
C LEU C 72 13.82 -14.02 13.42
N GLN C 73 13.32 -15.15 13.90
CA GLN C 73 11.88 -15.38 13.92
C GLN C 73 11.18 -14.35 14.79
N LEU C 74 11.72 -14.10 15.98
CA LEU C 74 11.10 -13.10 16.86
C LEU C 74 11.09 -11.73 16.21
N ALA C 75 12.21 -11.34 15.61
CA ALA C 75 12.29 -10.04 14.95
C ALA C 75 11.30 -9.93 13.81
N VAL C 76 11.16 -10.99 13.01
CA VAL C 76 10.28 -10.94 11.86
C VAL C 76 8.82 -10.86 12.31
N ARG C 77 8.42 -11.73 13.24
CA ARG C 77 7.01 -11.82 13.58
C ARG C 77 6.54 -10.70 14.50
N ASN C 78 7.42 -10.18 15.37
CA ASN C 78 7.01 -9.09 16.25
C ASN C 78 6.73 -7.80 15.50
N ASP C 79 7.24 -7.67 14.27
CA ASP C 79 7.09 -6.42 13.48
C ASP C 79 6.05 -6.62 12.40
N GLU C 80 4.96 -5.86 12.42
CA GLU C 80 3.83 -6.09 11.53
C GLU C 80 4.26 -6.09 10.06
N GLU C 81 5.10 -5.13 9.68
CA GLU C 81 5.46 -4.99 8.26
C GLU C 81 6.34 -6.14 7.81
N LEU C 82 7.35 -6.50 8.59
CA LEU C 82 8.22 -7.61 8.23
C LEU C 82 7.45 -8.92 8.23
N ASN C 83 6.55 -9.10 9.19
CA ASN C 83 5.73 -10.30 9.23
C ASN C 83 4.84 -10.39 8.00
N LYS C 84 4.24 -9.26 7.59
CA LYS C 84 3.39 -9.26 6.41
C LYS C 84 4.21 -9.54 5.16
N LEU C 85 5.43 -8.99 5.09
CA LEU C 85 6.31 -9.30 3.98
C LEU C 85 6.67 -10.78 3.94
N LEU C 86 6.97 -11.36 5.11
CA LEU C 86 7.35 -12.76 5.24
C LEU C 86 6.20 -13.59 5.81
N GLY C 87 4.97 -13.25 5.43
CA GLY C 87 3.82 -13.97 5.96
C GLY C 87 3.77 -15.41 5.51
N ARG C 88 4.07 -15.67 4.24
CA ARG C 88 4.02 -17.02 3.68
C ARG C 88 5.33 -17.78 3.88
N VAL C 89 6.28 -17.23 4.63
CA VAL C 89 7.63 -17.77 4.74
C VAL C 89 7.74 -18.55 6.05
N THR C 90 8.46 -19.68 5.99
CA THR C 90 8.82 -20.44 7.17
C THR C 90 10.31 -20.26 7.44
N ILE C 91 10.65 -19.87 8.67
CA ILE C 91 12.03 -19.70 9.10
C ILE C 91 12.41 -20.93 9.91
N ALA C 92 13.39 -21.68 9.41
CA ALA C 92 13.77 -22.94 10.03
C ALA C 92 14.34 -22.70 11.43
N GLN C 93 13.98 -23.58 12.37
CA GLN C 93 14.41 -23.49 13.75
C GLN C 93 13.99 -22.17 14.40
N GLY C 94 12.87 -21.61 13.94
CA GLY C 94 12.38 -20.35 14.45
C GLY C 94 11.35 -20.51 15.54
N GLY C 95 10.55 -21.57 15.45
CA GLY C 95 9.47 -21.72 16.40
C GLY C 95 8.38 -20.69 16.14
N VAL C 96 7.55 -20.50 17.17
CA VAL C 96 6.45 -19.56 17.11
C VAL C 96 6.46 -18.72 18.39
N LEU C 97 5.93 -17.51 18.28
CA LEU C 97 6.00 -16.58 19.39
C LEU C 97 5.11 -17.05 20.55
N PRO C 98 5.41 -16.64 21.80
CA PRO C 98 4.49 -16.96 22.89
C PRO C 98 3.16 -16.26 22.73
N ASN C 99 2.09 -17.03 22.54
CA ASN C 99 0.76 -16.46 22.34
C ASN C 99 -0.26 -17.49 22.79
N ILE C 100 -0.80 -17.30 24.00
CA ILE C 100 -1.86 -18.13 24.55
C ILE C 100 -3.13 -17.30 24.55
N GLN C 101 -4.19 -17.86 23.95
CA GLN C 101 -5.46 -17.14 23.88
C GLN C 101 -6.03 -16.94 25.28
N SER C 102 -6.69 -15.80 25.47
CA SER C 102 -7.20 -15.44 26.80
C SER C 102 -8.26 -16.43 27.28
N VAL C 103 -8.95 -17.11 26.35
CA VAL C 103 -9.96 -18.08 26.76
C VAL C 103 -9.31 -19.27 27.46
N LEU C 104 -8.11 -19.65 27.04
CA LEU C 104 -7.44 -20.82 27.58
C LEU C 104 -6.87 -20.60 28.98
N LEU C 105 -6.64 -19.35 29.37
CA LEU C 105 -6.06 -19.09 30.68
C LEU C 105 -7.04 -19.50 31.79
N PRO C 106 -6.55 -19.92 32.95
CA PRO C 106 -7.45 -20.47 33.96
C PRO C 106 -8.35 -19.40 34.56
N LYS C 107 -9.53 -19.85 35.02
CA LYS C 107 -10.50 -18.96 35.64
C LYS C 107 -10.32 -18.93 37.15
N THR D 1 33.44 -26.13 -6.77
CA THR D 1 33.29 -24.79 -7.32
C THR D 1 33.00 -23.78 -6.22
N ARG D 2 33.17 -22.50 -6.53
CA ARG D 2 32.90 -21.46 -5.55
C ARG D 2 31.40 -21.25 -5.39
N LYS D 3 30.91 -21.43 -4.17
CA LYS D 3 29.48 -21.25 -3.84
C LYS D 3 29.33 -19.85 -3.27
N GLU D 4 28.92 -18.91 -4.12
CA GLU D 4 28.77 -17.53 -3.70
C GLU D 4 27.56 -17.36 -2.80
N SER D 5 27.60 -16.31 -1.98
CA SER D 5 26.50 -16.00 -1.08
C SER D 5 26.69 -14.58 -0.56
N TYR D 6 25.67 -14.08 0.13
CA TYR D 6 25.69 -12.75 0.74
C TYR D 6 26.21 -12.78 2.17
N ALA D 7 27.07 -13.74 2.51
CA ALA D 7 27.45 -13.91 3.91
C ALA D 7 28.28 -12.73 4.41
N ILE D 8 29.28 -12.33 3.65
CA ILE D 8 30.18 -11.27 4.11
C ILE D 8 29.44 -9.95 4.21
N TYR D 9 28.50 -9.70 3.31
CA TYR D 9 27.78 -8.43 3.32
C TYR D 9 26.74 -8.40 4.43
N VAL D 10 26.08 -9.53 4.68
CA VAL D 10 25.18 -9.63 5.82
C VAL D 10 25.96 -9.39 7.11
N TYR D 11 27.16 -9.96 7.21
CA TYR D 11 28.00 -9.75 8.38
C TYR D 11 28.42 -8.29 8.51
N LYS D 12 28.77 -7.65 7.39
CA LYS D 12 29.15 -6.24 7.43
C LYS D 12 28.00 -5.37 7.90
N VAL D 13 26.78 -5.63 7.39
CA VAL D 13 25.62 -4.85 7.84
C VAL D 13 25.34 -5.12 9.31
N LEU D 14 25.55 -6.37 9.76
CA LEU D 14 25.37 -6.69 11.17
C LEU D 14 26.31 -5.87 12.03
N LYS D 15 27.58 -5.81 11.65
CA LYS D 15 28.53 -5.01 12.43
C LYS D 15 28.24 -3.52 12.30
N GLN D 16 27.62 -3.10 11.20
CA GLN D 16 27.21 -1.71 11.07
C GLN D 16 26.13 -1.37 12.08
N VAL D 17 25.13 -2.23 12.22
CA VAL D 17 24.01 -1.95 13.14
C VAL D 17 24.33 -2.39 14.56
N HIS D 18 24.96 -3.55 14.72
CA HIS D 18 25.29 -4.12 16.03
C HIS D 18 26.76 -4.55 16.01
N PRO D 19 27.69 -3.65 16.36
CA PRO D 19 29.11 -4.03 16.31
C PRO D 19 29.48 -5.21 17.19
N ASP D 20 28.81 -5.36 18.35
CA ASP D 20 29.22 -6.40 19.34
C ASP D 20 28.31 -7.64 19.30
N THR D 21 27.58 -7.85 18.20
CA THR D 21 26.74 -9.03 18.06
C THR D 21 27.20 -9.86 16.87
N GLY D 22 27.35 -11.16 17.09
CA GLY D 22 27.63 -12.11 16.03
C GLY D 22 26.35 -12.71 15.47
N ILE D 23 26.52 -13.68 14.58
CA ILE D 23 25.40 -14.35 13.93
C ILE D 23 25.83 -15.77 13.58
N SER D 24 24.93 -16.72 13.82
CA SER D 24 25.27 -18.13 13.69
C SER D 24 25.15 -18.59 12.24
N SER D 25 25.66 -19.80 11.98
CA SER D 25 25.64 -20.34 10.63
C SER D 25 24.21 -20.55 10.13
N LYS D 26 23.33 -21.09 10.97
CA LYS D 26 21.94 -21.25 10.57
C LYS D 26 21.28 -19.90 10.33
N ALA D 27 21.52 -18.93 11.22
CA ALA D 27 21.00 -17.59 11.02
C ALA D 27 21.61 -16.95 9.79
N MET D 28 22.90 -17.21 9.53
CA MET D 28 23.54 -16.67 8.34
C MET D 28 22.88 -17.22 7.08
N SER D 29 22.62 -18.53 7.06
CA SER D 29 21.95 -19.14 5.91
C SER D 29 20.54 -18.60 5.75
N ILE D 30 19.83 -18.37 6.85
CA ILE D 30 18.49 -17.82 6.77
C ILE D 30 18.54 -16.41 6.19
N MET D 31 19.49 -15.60 6.62
CA MET D 31 19.60 -14.25 6.08
C MET D 31 19.98 -14.27 4.60
N ASN D 32 20.87 -15.16 4.21
CA ASN D 32 21.23 -15.28 2.80
C ASN D 32 20.02 -15.70 1.96
N SER D 33 19.25 -16.67 2.46
CA SER D 33 18.04 -17.08 1.75
C SER D 33 17.04 -15.95 1.68
N PHE D 34 16.93 -15.15 2.74
CA PHE D 34 16.03 -14.00 2.71
C PHE D 34 16.46 -13.01 1.64
N VAL D 35 17.75 -12.70 1.57
CA VAL D 35 18.25 -11.75 0.59
C VAL D 35 17.99 -12.28 -0.82
N ASN D 36 18.26 -13.57 -1.04
CA ASN D 36 18.01 -14.15 -2.35
C ASN D 36 16.52 -14.10 -2.70
N ASP D 37 15.66 -14.41 -1.74
CA ASP D 37 14.22 -14.42 -2.01
C ASP D 37 13.70 -13.02 -2.34
N VAL D 38 14.12 -12.02 -1.57
CA VAL D 38 13.66 -10.67 -1.84
C VAL D 38 14.24 -10.16 -3.16
N PHE D 39 15.49 -10.52 -3.46
CA PHE D 39 16.07 -10.14 -4.74
C PHE D 39 15.27 -10.74 -5.89
N GLU D 40 14.90 -12.02 -5.77
CA GLU D 40 14.10 -12.65 -6.80
C GLU D 40 12.74 -12.00 -6.93
N ARG D 41 12.11 -11.68 -5.79
CA ARG D 41 10.80 -11.03 -5.82
C ARG D 41 10.87 -9.69 -6.54
N ILE D 42 11.80 -8.83 -6.14
CA ILE D 42 11.88 -7.49 -6.72
C ILE D 42 12.28 -7.58 -8.19
N ALA D 43 13.24 -8.45 -8.52
CA ALA D 43 13.66 -8.58 -9.91
C ALA D 43 12.55 -9.11 -10.79
N GLY D 44 11.80 -10.10 -10.31
CA GLY D 44 10.68 -10.61 -11.08
C GLY D 44 9.58 -9.59 -11.26
N GLU D 45 9.29 -8.82 -10.22
CA GLU D 45 8.29 -7.77 -10.34
C GLU D 45 8.73 -6.71 -11.33
N ALA D 46 10.00 -6.31 -11.28
CA ALA D 46 10.52 -5.34 -12.25
C ALA D 46 10.49 -5.90 -13.65
N SER D 47 10.77 -7.20 -13.80
CA SER D 47 10.68 -7.83 -15.11
C SER D 47 9.25 -7.78 -15.65
N ARG D 48 8.28 -8.09 -14.80
CA ARG D 48 6.88 -8.01 -15.21
C ARG D 48 6.51 -6.57 -15.58
N LEU D 49 6.98 -5.60 -14.79
CA LEU D 49 6.67 -4.21 -15.07
C LEU D 49 7.26 -3.79 -16.42
N ALA D 50 8.50 -4.18 -16.70
CA ALA D 50 9.12 -3.84 -17.98
C ALA D 50 8.39 -4.53 -19.13
N HIS D 51 7.97 -5.77 -18.94
CA HIS D 51 7.24 -6.47 -19.99
C HIS D 51 5.89 -5.82 -20.26
N TYR D 52 5.20 -5.37 -19.22
CA TYR D 52 3.88 -4.77 -19.39
C TYR D 52 3.97 -3.48 -20.21
N ASN D 53 5.00 -2.67 -19.96
CA ASN D 53 5.18 -1.41 -20.66
C ASN D 53 5.92 -1.58 -21.99
N LYS D 54 6.24 -2.82 -22.37
CA LYS D 54 6.96 -3.08 -23.63
C LYS D 54 8.32 -2.38 -23.63
N ARG D 55 8.95 -2.35 -22.47
CA ARG D 55 10.26 -1.74 -22.27
C ARG D 55 11.28 -2.85 -22.03
N SER D 56 12.44 -2.72 -22.65
CA SER D 56 13.48 -3.75 -22.58
C SER D 56 14.51 -3.49 -21.48
N THR D 57 14.34 -2.46 -20.67
CA THR D 57 15.34 -2.03 -19.70
C THR D 57 14.74 -2.05 -18.30
N ILE D 58 15.49 -2.60 -17.34
CA ILE D 58 15.17 -2.47 -15.93
C ILE D 58 15.95 -1.27 -15.41
N THR D 59 15.30 -0.12 -15.32
CA THR D 59 15.91 1.09 -14.77
C THR D 59 15.64 1.19 -13.29
N SER D 60 16.15 2.25 -12.66
CA SER D 60 15.87 2.49 -11.26
C SER D 60 14.37 2.72 -11.02
N ARG D 61 13.66 3.26 -12.02
CA ARG D 61 12.23 3.48 -11.87
C ARG D 61 11.49 2.16 -11.71
N GLU D 62 11.86 1.15 -12.50
CA GLU D 62 11.21 -0.15 -12.38
C GLU D 62 11.44 -0.75 -11.01
N ILE D 63 12.67 -0.68 -10.50
CA ILE D 63 12.95 -1.25 -9.19
C ILE D 63 12.24 -0.46 -8.10
N GLN D 64 12.15 0.86 -8.25
CA GLN D 64 11.44 1.67 -7.27
C GLN D 64 9.97 1.29 -7.22
N THR D 65 9.34 1.13 -8.38
CA THR D 65 7.93 0.73 -8.40
C THR D 65 7.75 -0.68 -7.85
N ALA D 66 8.68 -1.59 -8.17
CA ALA D 66 8.59 -2.95 -7.65
C ALA D 66 8.72 -2.96 -6.13
N VAL D 67 9.61 -2.13 -5.59
CA VAL D 67 9.77 -2.04 -4.14
C VAL D 67 8.52 -1.45 -3.51
N ARG D 68 7.90 -0.46 -4.18
CA ARG D 68 6.65 0.09 -3.68
C ARG D 68 5.56 -0.97 -3.65
N LEU D 69 5.51 -1.82 -4.68
CA LEU D 69 4.46 -2.84 -4.75
C LEU D 69 4.68 -3.94 -3.72
N LEU D 70 5.92 -4.44 -3.59
CA LEU D 70 6.19 -5.57 -2.72
C LEU D 70 6.12 -5.22 -1.25
N LEU D 71 6.95 -4.28 -0.79
CA LEU D 71 7.07 -4.06 0.64
C LEU D 71 5.81 -3.37 1.18
N PRO D 72 5.30 -3.76 2.39
CA PRO D 72 4.14 -3.05 2.93
C PRO D 72 4.47 -1.75 3.66
N GLY D 73 3.76 -0.69 3.32
CA GLY D 73 3.69 0.49 4.18
C GLY D 73 5.05 1.16 4.39
N GLU D 74 5.41 1.33 5.66
CA GLU D 74 6.61 2.07 6.00
C GLU D 74 7.87 1.41 5.45
N LEU D 75 7.86 0.08 5.32
CA LEU D 75 9.00 -0.60 4.72
C LEU D 75 9.23 -0.11 3.28
N ALA D 76 8.15 0.03 2.51
CA ALA D 76 8.28 0.51 1.15
C ALA D 76 8.83 1.94 1.12
N LYS D 77 8.33 2.80 2.01
CA LYS D 77 8.79 4.18 2.03
C LYS D 77 10.28 4.26 2.36
N HIS D 78 10.70 3.54 3.40
CA HIS D 78 12.11 3.59 3.78
C HIS D 78 13.01 2.95 2.74
N ALA D 79 12.56 1.85 2.13
CA ALA D 79 13.35 1.21 1.10
C ALA D 79 13.49 2.10 -0.12
N VAL D 80 12.41 2.79 -0.50
CA VAL D 80 12.49 3.74 -1.62
C VAL D 80 13.43 4.88 -1.27
N SER D 81 13.39 5.34 -0.02
CA SER D 81 14.32 6.39 0.42
C SER D 81 15.76 5.93 0.28
N GLU D 82 16.06 4.72 0.76
CA GLU D 82 17.42 4.19 0.66
C GLU D 82 17.86 4.01 -0.79
N GLY D 83 16.97 3.49 -1.63
CA GLY D 83 17.33 3.30 -3.03
C GLY D 83 17.59 4.61 -3.74
N THR D 84 16.73 5.60 -3.52
CA THR D 84 16.93 6.91 -4.14
C THR D 84 18.20 7.57 -3.63
N LYS D 85 18.48 7.44 -2.33
CA LYS D 85 19.72 8.00 -1.78
C LYS D 85 20.94 7.33 -2.41
N ALA D 86 20.90 6.00 -2.54
CA ALA D 86 22.03 5.28 -3.12
C ALA D 86 22.23 5.68 -4.58
N VAL D 87 21.14 5.78 -5.34
CA VAL D 87 21.26 6.15 -6.75
C VAL D 87 21.80 7.57 -6.89
N THR D 88 21.31 8.48 -6.04
CA THR D 88 21.79 9.86 -6.09
C THR D 88 23.28 9.93 -5.74
N CYS D 89 23.71 9.16 -4.73
CA CYS D 89 25.12 9.18 -4.35
C CYS D 89 25.99 8.55 -5.43
N TYR D 90 25.49 7.49 -6.08
CA TYR D 90 26.29 6.80 -7.09
C TYR D 90 26.42 7.64 -8.36
N THR D 91 25.31 8.24 -8.82
CA THR D 91 25.35 9.01 -10.06
C THR D 91 26.25 10.23 -9.96
N SER D 92 26.41 10.79 -8.76
CA SER D 92 27.29 11.92 -8.52
C SER D 92 28.64 11.37 -8.08
N ALA D 93 29.44 10.93 -9.04
CA ALA D 93 30.75 10.34 -8.76
C ALA D 93 31.67 10.49 -9.96
N ARG E 4 -1.24 -33.53 42.70
CA ARG E 4 -1.81 -33.61 41.36
C ARG E 4 -2.34 -32.26 40.90
N TYR E 5 -1.75 -31.71 39.85
CA TYR E 5 -2.25 -30.48 39.27
C TYR E 5 -3.59 -30.74 38.59
N ARG E 6 -4.43 -29.72 38.57
CA ARG E 6 -5.74 -29.86 37.95
C ARG E 6 -5.57 -29.98 36.44
N PRO E 7 -6.59 -30.49 35.73
CA PRO E 7 -6.53 -30.44 34.26
C PRO E 7 -6.45 -29.01 33.77
N GLY E 8 -5.63 -28.81 32.73
CA GLY E 8 -5.41 -27.50 32.14
C GLY E 8 -4.20 -26.77 32.66
N THR E 9 -3.59 -27.22 33.77
CA THR E 9 -2.40 -26.57 34.29
C THR E 9 -1.15 -27.04 33.57
N VAL E 10 -0.92 -28.37 33.55
CA VAL E 10 0.24 -28.89 32.87
C VAL E 10 0.14 -28.67 31.37
N ALA E 11 -1.08 -28.62 30.83
CA ALA E 11 -1.25 -28.29 29.42
C ALA E 11 -0.75 -26.88 29.13
N LEU E 12 -1.08 -25.92 30.00
CA LEU E 12 -0.58 -24.56 29.82
C LEU E 12 0.93 -24.51 30.00
N ARG E 13 1.47 -25.27 30.95
CA ARG E 13 2.91 -25.30 31.13
C ARG E 13 3.59 -25.86 29.88
N GLU E 14 2.99 -26.88 29.27
CA GLU E 14 3.53 -27.42 28.02
C GLU E 14 3.44 -26.40 26.89
N ILE E 15 2.34 -25.65 26.82
CA ILE E 15 2.22 -24.59 25.81
C ILE E 15 3.35 -23.59 25.97
N ARG E 16 3.61 -23.15 27.20
CA ARG E 16 4.69 -22.22 27.44
C ARG E 16 6.04 -22.84 27.11
N ARG E 17 6.24 -24.11 27.46
CA ARG E 17 7.52 -24.77 27.21
C ARG E 17 7.81 -24.88 25.72
N TYR E 18 6.81 -25.27 24.93
CA TYR E 18 7.04 -25.54 23.52
C TYR E 18 6.90 -24.31 22.64
N GLN E 19 6.26 -23.24 23.13
CA GLN E 19 6.23 -21.99 22.38
C GLN E 19 7.52 -21.21 22.50
N LYS E 20 8.20 -21.30 23.65
CA LYS E 20 9.47 -20.62 23.87
C LYS E 20 10.67 -21.45 23.44
N SER E 21 10.46 -22.61 22.82
CA SER E 21 11.54 -23.49 22.39
C SER E 21 11.36 -23.84 20.92
N THR E 22 12.47 -24.16 20.26
CA THR E 22 12.52 -24.30 18.80
C THR E 22 12.91 -25.69 18.32
N GLU E 23 13.20 -26.63 19.22
CA GLU E 23 13.60 -27.96 18.79
C GLU E 23 12.44 -28.66 18.06
N LEU E 24 12.80 -29.58 17.18
CA LEU E 24 11.79 -30.32 16.43
C LEU E 24 10.98 -31.19 17.37
N LEU E 25 9.65 -31.11 17.24
CA LEU E 25 8.74 -31.82 18.12
C LEU E 25 8.38 -33.22 17.63
N ILE E 26 8.73 -33.56 16.39
CA ILE E 26 8.56 -34.92 15.88
C ILE E 26 9.93 -35.59 15.97
N ARG E 27 9.93 -36.87 16.33
CA ARG E 27 11.17 -37.63 16.38
C ARG E 27 11.78 -37.72 14.98
N LYS E 28 13.11 -37.66 14.92
CA LYS E 28 13.78 -37.53 13.62
C LYS E 28 13.58 -38.79 12.77
N LEU E 29 13.93 -39.95 13.33
CA LEU E 29 13.88 -41.19 12.54
C LEU E 29 12.48 -41.58 12.09
N PRO E 30 11.44 -41.54 12.94
CA PRO E 30 10.09 -41.84 12.44
C PRO E 30 9.64 -40.93 11.30
N PHE E 31 9.95 -39.63 11.38
CA PHE E 31 9.58 -38.73 10.29
C PHE E 31 10.39 -39.03 9.04
N GLN E 32 11.67 -39.38 9.20
CA GLN E 32 12.49 -39.75 8.06
C GLN E 32 11.90 -40.98 7.36
N ARG E 33 11.50 -41.98 8.14
CA ARG E 33 10.89 -43.17 7.56
C ARG E 33 9.56 -42.84 6.89
N LEU E 34 8.77 -41.95 7.49
CA LEU E 34 7.52 -41.53 6.86
C LEU E 34 7.78 -40.87 5.51
N VAL E 35 8.78 -39.97 5.46
CA VAL E 35 9.12 -39.30 4.22
C VAL E 35 9.56 -40.32 3.17
N ARG E 36 10.38 -41.28 3.58
CA ARG E 36 10.83 -42.30 2.64
C ARG E 36 9.66 -43.11 2.08
N GLU E 37 8.72 -43.54 2.94
CA GLU E 37 7.56 -44.25 2.41
C GLU E 37 6.73 -43.37 1.48
N ILE E 38 6.54 -42.10 1.84
CA ILE E 38 5.75 -41.21 0.99
C ILE E 38 6.40 -41.09 -0.38
N ALA E 39 7.72 -41.21 -0.44
CA ALA E 39 8.43 -41.19 -1.73
C ALA E 39 8.56 -42.57 -2.38
N GLN E 40 8.28 -43.67 -1.69
CA GLN E 40 8.33 -44.97 -2.36
C GLN E 40 7.24 -45.17 -3.42
N ASP E 41 6.28 -44.26 -3.52
CA ASP E 41 5.30 -44.36 -4.61
C ASP E 41 5.98 -44.32 -5.99
N PHE E 42 7.16 -43.72 -6.08
CA PHE E 42 7.98 -43.74 -7.28
C PHE E 42 8.97 -44.90 -7.17
N MET E 43 9.04 -45.71 -8.23
CA MET E 43 9.74 -47.00 -8.13
C MET E 43 11.23 -46.81 -7.87
N THR E 44 11.82 -45.72 -8.37
CA THR E 44 13.24 -45.49 -8.17
C THR E 44 13.55 -45.30 -6.69
N ASP E 45 14.66 -45.90 -6.25
CA ASP E 45 15.08 -45.77 -4.86
C ASP E 45 15.81 -44.44 -4.66
N LEU E 46 15.13 -43.49 -4.02
CA LEU E 46 15.70 -42.18 -3.78
C LEU E 46 16.68 -42.23 -2.61
N ARG E 47 17.53 -41.20 -2.54
CA ARG E 47 18.59 -41.15 -1.54
C ARG E 47 18.35 -40.11 -0.44
N PHE E 48 17.56 -39.06 -0.69
CA PHE E 48 17.07 -38.16 0.36
C PHE E 48 18.20 -37.59 1.19
N GLN E 49 18.97 -36.71 0.56
CA GLN E 49 19.98 -35.91 1.25
C GLN E 49 19.45 -35.41 2.59
N SER E 50 20.23 -35.65 3.65
CA SER E 50 19.73 -35.48 5.02
C SER E 50 19.23 -34.08 5.28
N SER E 51 19.85 -33.08 4.67
CA SER E 51 19.32 -31.73 4.77
C SER E 51 17.94 -31.62 4.13
N ALA E 52 17.65 -32.45 3.12
CA ALA E 52 16.31 -32.43 2.54
C ALA E 52 15.27 -32.99 3.51
N VAL E 53 15.61 -34.07 4.22
CA VAL E 53 14.70 -34.60 5.23
C VAL E 53 14.50 -33.57 6.34
N MET E 54 15.57 -32.89 6.73
CA MET E 54 15.45 -31.87 7.77
C MET E 54 14.57 -30.72 7.30
N ALA E 55 14.72 -30.31 6.04
CA ALA E 55 13.89 -29.24 5.50
C ALA E 55 12.43 -29.66 5.44
N LEU E 56 12.17 -30.92 5.05
CA LEU E 56 10.81 -31.44 5.05
C LEU E 56 10.23 -31.40 6.46
N GLN E 57 11.02 -31.80 7.46
CA GLN E 57 10.54 -31.77 8.83
C GLN E 57 10.26 -30.33 9.29
N GLU E 58 11.14 -29.39 8.95
CA GLU E 58 10.89 -27.98 9.26
C GLU E 58 9.56 -27.52 8.67
N ALA E 59 9.37 -27.76 7.36
CA ALA E 59 8.18 -27.29 6.70
C ALA E 59 6.92 -27.95 7.26
N SER E 60 6.98 -29.26 7.49
CA SER E 60 5.81 -29.96 8.02
C SER E 60 5.46 -29.49 9.42
N GLU E 61 6.46 -29.31 10.28
CA GLU E 61 6.19 -28.85 11.63
C GLU E 61 5.63 -27.44 11.63
N ALA E 62 6.18 -26.54 10.81
CA ALA E 62 5.65 -25.19 10.75
C ALA E 62 4.21 -25.19 10.22
N TYR E 63 3.96 -25.99 9.18
CA TYR E 63 2.61 -26.07 8.63
C TYR E 63 1.62 -26.60 9.66
N LEU E 64 1.99 -27.65 10.39
CA LEU E 64 1.09 -28.20 11.39
C LEU E 64 0.90 -27.26 12.57
N VAL E 65 1.94 -26.50 12.94
CA VAL E 65 1.79 -25.53 14.01
C VAL E 65 0.82 -24.44 13.61
N ALA E 66 0.95 -23.92 12.39
CA ALA E 66 0.01 -22.91 11.92
C ALA E 66 -1.41 -23.48 11.81
N LEU E 67 -1.51 -24.72 11.34
CA LEU E 67 -2.81 -25.37 11.24
C LEU E 67 -3.45 -25.52 12.60
N PHE E 68 -2.65 -25.87 13.62
CA PHE E 68 -3.21 -26.02 14.95
C PHE E 68 -3.55 -24.68 15.58
N GLU E 69 -2.83 -23.62 15.23
CA GLU E 69 -3.25 -22.28 15.65
C GLU E 69 -4.62 -21.94 15.07
N ASP E 70 -4.80 -22.21 13.77
CA ASP E 70 -6.11 -21.97 13.16
C ASP E 70 -7.18 -22.86 13.77
N THR E 71 -6.83 -24.12 14.07
CA THR E 71 -7.78 -25.03 14.69
C THR E 71 -8.19 -24.55 16.08
N ASN E 72 -7.24 -24.04 16.85
CA ASN E 72 -7.55 -23.50 18.16
C ASN E 72 -8.45 -22.27 18.05
N LEU E 73 -8.18 -21.43 17.05
CA LEU E 73 -9.05 -20.27 16.83
C LEU E 73 -10.47 -20.72 16.48
N CYS E 74 -10.59 -21.75 15.63
CA CYS E 74 -11.91 -22.27 15.29
C CYS E 74 -12.61 -22.84 16.52
N ALA E 75 -11.88 -23.58 17.35
CA ALA E 75 -12.48 -24.17 18.54
C ALA E 75 -12.94 -23.09 19.52
N ILE E 76 -12.13 -22.04 19.69
CA ILE E 76 -12.54 -20.94 20.56
C ILE E 76 -13.75 -20.22 19.98
N HIS E 77 -13.83 -20.15 18.65
CA HIS E 77 -14.98 -19.51 18.02
C HIS E 77 -16.27 -20.26 18.35
N ALA E 78 -16.20 -21.59 18.46
CA ALA E 78 -17.36 -22.41 18.78
C ALA E 78 -17.63 -22.52 20.28
N LYS E 79 -17.06 -21.63 21.10
CA LYS E 79 -17.22 -21.69 22.56
C LYS E 79 -16.73 -23.03 23.11
N ARG E 80 -15.58 -23.47 22.62
CA ARG E 80 -14.93 -24.68 23.09
C ARG E 80 -13.44 -24.44 23.19
N VAL E 81 -12.78 -25.21 24.06
CA VAL E 81 -11.33 -25.23 24.16
C VAL E 81 -10.73 -26.52 23.63
N THR E 82 -11.53 -27.56 23.44
CA THR E 82 -11.06 -28.82 22.88
C THR E 82 -11.16 -28.76 21.36
N ILE E 83 -10.01 -28.82 20.69
CA ILE E 83 -10.00 -28.91 19.23
C ILE E 83 -10.46 -30.30 18.81
N MET E 84 -11.28 -30.35 17.77
CA MET E 84 -11.90 -31.56 17.26
C MET E 84 -11.71 -31.59 15.76
N PRO E 85 -11.85 -32.76 15.11
CA PRO E 85 -11.55 -32.84 13.68
C PRO E 85 -12.34 -31.88 12.81
N LYS E 86 -13.55 -31.50 13.20
CA LYS E 86 -14.29 -30.52 12.42
C LYS E 86 -13.59 -29.17 12.45
N ASP E 87 -12.88 -28.85 13.52
CA ASP E 87 -12.10 -27.61 13.55
C ASP E 87 -11.00 -27.63 12.50
N ILE E 88 -10.27 -28.75 12.41
CA ILE E 88 -9.21 -28.86 11.41
C ILE E 88 -9.80 -28.81 10.01
N GLN E 89 -10.93 -29.48 9.81
CA GLN E 89 -11.57 -29.46 8.49
C GLN E 89 -12.01 -28.05 8.12
N LEU E 90 -12.57 -27.30 9.08
CA LEU E 90 -12.94 -25.92 8.82
C LEU E 90 -11.71 -25.08 8.50
N ALA E 91 -10.62 -25.27 9.23
CA ALA E 91 -9.42 -24.48 8.97
C ALA E 91 -8.87 -24.74 7.58
N ARG E 92 -8.82 -26.02 7.18
CA ARG E 92 -8.30 -26.34 5.85
C ARG E 92 -9.27 -25.91 4.76
N ARG E 93 -10.58 -25.86 5.05
CA ARG E 93 -11.53 -25.37 4.06
C ARG E 93 -11.42 -23.86 3.89
N ILE E 94 -11.30 -23.12 4.99
CA ILE E 94 -11.20 -21.67 4.91
C ILE E 94 -9.89 -21.27 4.26
N ARG E 95 -8.81 -21.98 4.57
CA ARG E 95 -7.52 -21.70 3.93
C ARG E 95 -7.57 -21.96 2.44
N GLY E 96 -8.47 -22.82 1.98
CA GLY E 96 -8.54 -23.22 0.59
C GLY E 96 -7.90 -24.54 0.27
N GLU E 97 -7.50 -25.31 1.28
CA GLU E 97 -6.86 -26.61 1.07
C GLU E 97 -7.86 -27.74 0.88
N ARG E 98 -9.16 -27.47 0.99
CA ARG E 98 -10.18 -28.51 0.83
C ARG E 98 -11.50 -27.90 0.38
OH ALY F 6 17.73 -56.93 -0.42
CH ALY F 6 17.31 -56.58 0.69
CH3 ALY F 6 18.16 -55.77 1.64
NZ ALY F 6 16.03 -56.92 1.10
CE ALY F 6 15.49 -56.53 2.40
CD ALY F 6 14.06 -57.04 2.55
CG ALY F 6 14.08 -58.55 2.75
CB ALY F 6 12.68 -59.14 3.05
CA ALY F 6 11.61 -58.86 1.95
N ALY F 6 10.30 -59.44 2.28
C ALY F 6 12.14 -59.38 0.57
O ALY F 6 12.85 -60.41 0.55
N ARG F 7 11.82 -58.69 -0.51
CA ARG F 7 12.24 -59.11 -1.85
C ARG F 7 13.64 -58.58 -2.18
N HIS F 8 13.73 -57.42 -2.83
CA HIS F 8 15.00 -56.79 -3.16
C HIS F 8 15.27 -55.53 -2.37
N ARG F 9 14.21 -54.85 -1.93
CA ARG F 9 14.30 -53.64 -1.11
C ARG F 9 13.29 -53.74 0.01
N LYS F 10 13.69 -53.33 1.21
CA LYS F 10 12.81 -53.41 2.37
C LYS F 10 11.66 -52.44 2.19
N VAL F 11 10.49 -52.96 1.84
CA VAL F 11 9.30 -52.12 1.74
C VAL F 11 8.92 -51.65 3.13
N LEU F 12 8.91 -50.33 3.31
CA LEU F 12 8.62 -49.76 4.62
C LEU F 12 7.19 -50.05 5.03
N ARG F 13 6.98 -50.28 6.32
CA ARG F 13 5.64 -50.47 6.86
C ARG F 13 4.95 -49.12 6.93
N ASP F 14 3.76 -49.07 7.54
CA ASP F 14 2.90 -47.88 7.44
C ASP F 14 3.63 -46.61 7.88
N ASN F 15 4.26 -46.63 9.06
CA ASN F 15 5.12 -45.56 9.56
C ASN F 15 4.46 -44.18 9.57
N ILE F 16 3.12 -44.12 9.54
CA ILE F 16 2.40 -42.89 9.84
C ILE F 16 1.99 -42.88 11.30
N GLN F 17 1.91 -44.04 11.96
CA GLN F 17 1.80 -44.09 13.41
C GLN F 17 3.09 -43.66 14.09
N GLY F 18 4.20 -43.58 13.35
CA GLY F 18 5.43 -43.05 13.89
C GLY F 18 5.31 -41.59 14.29
N ILE F 19 4.34 -40.87 13.75
CA ILE F 19 3.97 -39.55 14.26
C ILE F 19 3.08 -39.82 15.45
N THR F 20 3.69 -40.01 16.62
CA THR F 20 2.99 -40.57 17.75
C THR F 20 1.99 -39.56 18.33
N LYS F 21 1.15 -40.06 19.22
CA LYS F 21 0.19 -39.19 19.90
C LYS F 21 0.89 -38.07 20.68
N PRO F 22 1.93 -38.33 21.48
CA PRO F 22 2.62 -37.20 22.12
C PRO F 22 3.24 -36.22 21.14
N ALA F 23 3.68 -36.67 19.96
CA ALA F 23 4.24 -35.73 19.00
C ALA F 23 3.17 -34.77 18.49
N ILE F 24 1.99 -35.30 18.17
CA ILE F 24 0.89 -34.44 17.73
C ILE F 24 0.44 -33.54 18.87
N ARG F 25 0.46 -34.06 20.10
CA ARG F 25 0.14 -33.24 21.25
C ARG F 25 1.12 -32.08 21.38
N ARG F 26 2.41 -32.34 21.22
CA ARG F 26 3.41 -31.27 21.30
C ARG F 26 3.21 -30.25 20.19
N LEU F 27 2.91 -30.72 18.98
CA LEU F 27 2.65 -29.80 17.87
C LEU F 27 1.45 -28.91 18.17
N ALA F 28 0.39 -29.49 18.73
CA ALA F 28 -0.76 -28.67 19.12
C ALA F 28 -0.41 -27.70 20.24
N ARG F 29 0.38 -28.15 21.21
CA ARG F 29 0.75 -27.31 22.34
C ARG F 29 1.56 -26.10 21.87
N ARG F 30 2.46 -26.30 20.90
CA ARG F 30 3.17 -25.17 20.33
C ARG F 30 2.22 -24.20 19.66
N GLY F 31 1.08 -24.68 19.14
CA GLY F 31 0.09 -23.83 18.55
C GLY F 31 -0.85 -23.15 19.52
N GLY F 32 -0.69 -23.40 20.83
CA GLY F 32 -1.54 -22.77 21.82
C GLY F 32 -2.85 -23.51 22.03
N VAL F 33 -2.78 -24.83 22.09
CA VAL F 33 -3.94 -25.70 22.26
C VAL F 33 -3.93 -26.23 23.68
N LYS F 34 -5.01 -25.96 24.43
CA LYS F 34 -5.10 -26.41 25.81
C LYS F 34 -5.64 -27.83 25.92
N ARG F 35 -6.60 -28.20 25.07
CA ARG F 35 -7.20 -29.53 25.07
C ARG F 35 -7.30 -30.04 23.64
N ILE F 36 -7.17 -31.35 23.49
CA ILE F 36 -7.11 -32.01 22.19
C ILE F 36 -8.09 -33.17 22.22
N SER F 37 -8.95 -33.24 21.21
CA SER F 37 -9.87 -34.36 21.12
C SER F 37 -9.13 -35.64 20.74
N GLY F 38 -9.74 -36.77 21.06
CA GLY F 38 -9.12 -38.05 20.73
C GLY F 38 -9.00 -38.29 19.25
N LEU F 39 -9.91 -37.70 18.46
CA LEU F 39 -9.90 -37.86 17.01
C LEU F 39 -8.99 -36.88 16.29
N ILE F 40 -8.41 -35.91 17.02
CA ILE F 40 -7.48 -34.97 16.39
C ILE F 40 -6.23 -35.69 15.89
N TYR F 41 -5.86 -36.80 16.53
CA TYR F 41 -4.60 -37.45 16.19
C TYR F 41 -4.65 -38.07 14.80
N GLU F 42 -5.70 -38.83 14.51
CA GLU F 42 -5.83 -39.43 13.18
C GLU F 42 -6.03 -38.37 12.11
N GLU F 43 -6.79 -37.32 12.43
CA GLU F 43 -6.99 -36.24 11.46
C GLU F 43 -5.66 -35.54 11.15
N THR F 44 -4.85 -35.29 12.17
CA THR F 44 -3.55 -34.67 11.95
C THR F 44 -2.63 -35.58 11.17
N ARG F 45 -2.69 -36.90 11.44
CA ARG F 45 -1.89 -37.83 10.65
C ARG F 45 -2.29 -37.78 9.19
N GLY F 46 -3.59 -37.75 8.90
CA GLY F 46 -4.04 -37.67 7.53
C GLY F 46 -3.62 -36.38 6.85
N VAL F 47 -3.77 -35.25 7.56
CA VAL F 47 -3.39 -33.96 6.99
C VAL F 47 -1.89 -33.90 6.71
N LEU F 48 -1.08 -34.40 7.65
CA LEU F 48 0.36 -34.44 7.45
C LEU F 48 0.72 -35.35 6.29
N LYS F 49 0.03 -36.48 6.16
CA LYS F 49 0.29 -37.38 5.05
C LYS F 49 -0.01 -36.70 3.72
N VAL F 50 -1.13 -35.98 3.63
CA VAL F 50 -1.48 -35.29 2.39
C VAL F 50 -0.45 -34.22 2.07
N PHE F 51 -0.06 -33.42 3.07
CA PHE F 51 0.90 -32.34 2.84
C PHE F 51 2.24 -32.91 2.40
N LEU F 52 2.71 -33.96 3.08
CA LEU F 52 3.97 -34.59 2.71
C LEU F 52 3.89 -35.19 1.31
N GLU F 53 2.74 -35.78 0.97
CA GLU F 53 2.57 -36.32 -0.38
C GLU F 53 2.74 -35.22 -1.42
N ASN F 54 2.09 -34.08 -1.20
CA ASN F 54 2.21 -32.97 -2.16
C ASN F 54 3.65 -32.50 -2.27
N VAL F 55 4.28 -32.20 -1.14
CA VAL F 55 5.61 -31.59 -1.18
C VAL F 55 6.64 -32.58 -1.72
N ILE F 56 6.56 -33.84 -1.30
CA ILE F 56 7.52 -34.83 -1.77
C ILE F 56 7.29 -35.15 -3.24
N ARG F 57 6.04 -35.13 -3.71
CA ARG F 57 5.81 -35.30 -5.14
C ARG F 57 6.46 -34.19 -5.93
N ASP F 58 6.31 -32.94 -5.47
CA ASP F 58 6.97 -31.83 -6.16
C ASP F 58 8.49 -31.98 -6.12
N ALA F 59 9.05 -32.32 -4.96
CA ALA F 59 10.49 -32.44 -4.84
C ALA F 59 11.04 -33.57 -5.71
N VAL F 60 10.33 -34.70 -5.76
CA VAL F 60 10.76 -35.79 -6.62
C VAL F 60 10.63 -35.42 -8.08
N THR F 61 9.62 -34.62 -8.44
CA THR F 61 9.55 -34.12 -9.81
C THR F 61 10.76 -33.29 -10.16
N TYR F 62 11.17 -32.40 -9.25
CA TYR F 62 12.40 -31.63 -9.46
C TYR F 62 13.61 -32.56 -9.62
N THR F 63 13.70 -33.57 -8.76
CA THR F 63 14.85 -34.47 -8.78
C THR F 63 14.92 -35.25 -10.09
N GLU F 64 13.80 -35.85 -10.50
CA GLU F 64 13.78 -36.61 -11.74
C GLU F 64 14.02 -35.72 -12.95
N HIS F 65 13.61 -34.45 -12.90
CA HIS F 65 13.98 -33.55 -13.97
C HIS F 65 15.48 -33.30 -13.98
N ALA F 66 16.09 -33.22 -12.80
CA ALA F 66 17.54 -33.01 -12.72
C ALA F 66 18.34 -34.26 -13.06
N LYS F 67 17.68 -35.37 -13.41
CA LYS F 67 18.36 -36.63 -13.72
C LYS F 67 19.21 -37.09 -12.53
N ARG F 68 18.69 -36.86 -11.34
CA ARG F 68 19.32 -37.27 -10.08
C ARG F 68 18.46 -38.32 -9.41
N LYS F 69 19.12 -39.14 -8.58
CA LYS F 69 18.44 -40.10 -7.72
C LYS F 69 18.51 -39.70 -6.25
N THR F 70 18.93 -38.47 -5.94
CA THR F 70 19.04 -37.97 -4.57
C THR F 70 18.17 -36.73 -4.45
N VAL F 71 17.22 -36.75 -3.52
CA VAL F 71 16.34 -35.61 -3.30
C VAL F 71 17.13 -34.58 -2.50
N THR F 72 17.72 -33.62 -3.20
CA THR F 72 18.54 -32.61 -2.57
C THR F 72 17.66 -31.67 -1.74
N ALA F 73 18.28 -31.00 -0.76
CA ALA F 73 17.53 -30.06 0.06
C ALA F 73 17.01 -28.90 -0.78
N MET F 74 17.73 -28.53 -1.84
CA MET F 74 17.25 -27.46 -2.71
C MET F 74 15.98 -27.90 -3.42
N ASP F 75 15.84 -29.19 -3.72
CA ASP F 75 14.60 -29.67 -4.33
C ASP F 75 13.41 -29.45 -3.39
N VAL F 76 13.60 -29.76 -2.11
CA VAL F 76 12.53 -29.54 -1.14
C VAL F 76 12.24 -28.06 -1.01
N VAL F 77 13.28 -27.22 -0.98
CA VAL F 77 13.08 -25.78 -0.85
C VAL F 77 12.31 -25.24 -2.04
N TYR F 78 12.66 -25.68 -3.25
CA TYR F 78 11.94 -25.21 -4.44
C TYR F 78 10.51 -25.73 -4.46
N ALA F 79 10.28 -26.97 -4.01
CA ALA F 79 8.93 -27.51 -3.95
C ALA F 79 8.07 -26.71 -2.98
N LEU F 80 8.64 -26.36 -1.82
CA LEU F 80 7.89 -25.56 -0.86
C LEU F 80 7.67 -24.14 -1.36
N LYS F 81 8.65 -23.59 -2.09
CA LYS F 81 8.47 -22.26 -2.67
C LYS F 81 7.36 -22.27 -3.71
N ARG F 82 7.25 -23.36 -4.46
CA ARG F 82 6.15 -23.49 -5.42
C ARG F 82 4.80 -23.43 -4.72
N GLN F 83 4.67 -24.08 -3.58
CA GLN F 83 3.40 -24.16 -2.87
C GLN F 83 3.13 -22.93 -2.00
N GLY F 84 3.90 -21.86 -2.15
CA GLY F 84 3.69 -20.70 -1.32
C GLY F 84 4.11 -20.87 0.12
N ARG F 85 5.07 -21.76 0.38
CA ARG F 85 5.51 -22.06 1.74
C ARG F 85 7.04 -21.94 1.82
N THR F 86 7.56 -20.81 1.34
CA THR F 86 9.01 -20.61 1.24
C THR F 86 9.71 -20.87 2.55
N LEU F 87 10.75 -21.70 2.49
CA LEU F 87 11.49 -22.15 3.66
C LEU F 87 12.88 -21.54 3.64
N TYR F 88 13.25 -20.89 4.74
CA TYR F 88 14.55 -20.26 4.89
C TYR F 88 15.45 -21.12 5.78
N GLY F 89 16.74 -21.13 5.45
CA GLY F 89 17.75 -21.82 6.23
C GLY F 89 18.41 -22.98 5.51
N PHE F 90 17.91 -23.36 4.34
CA PHE F 90 18.46 -24.47 3.57
C PHE F 90 18.89 -24.04 2.17
N GLY F 91 19.17 -22.77 1.96
CA GLY F 91 19.56 -22.24 0.66
C GLY F 91 18.36 -21.76 -0.13
N GLY F 92 18.67 -21.05 -1.21
CA GLY F 92 17.66 -20.49 -2.09
C GLY F 92 18.10 -19.19 -2.72
N ALA G 1 9.71 -24.84 -52.38
CA ALA G 1 9.79 -24.71 -50.93
C ALA G 1 8.48 -24.19 -50.37
N LYS G 2 7.45 -25.04 -50.39
CA LYS G 2 6.14 -24.65 -49.88
C LYS G 2 6.19 -24.47 -48.37
N ALA G 3 5.46 -23.48 -47.87
CA ALA G 3 5.44 -23.16 -46.45
C ALA G 3 4.35 -23.98 -45.76
N LYS G 4 4.76 -24.80 -44.79
CA LYS G 4 3.86 -25.61 -43.97
C LYS G 4 4.08 -25.24 -42.52
N THR G 5 3.02 -24.78 -41.85
CA THR G 5 3.16 -24.32 -40.48
C THR G 5 3.54 -25.47 -39.56
N ARG G 6 4.32 -25.13 -38.52
CA ARG G 6 4.74 -26.14 -37.56
C ARG G 6 3.55 -26.73 -36.81
N SER G 7 2.50 -25.92 -36.61
CA SER G 7 1.28 -26.45 -36.01
C SER G 7 0.67 -27.53 -36.88
N SER G 8 0.74 -27.37 -38.20
CA SER G 8 0.29 -28.43 -39.10
C SER G 8 1.14 -29.68 -38.98
N ARG G 9 2.45 -29.52 -38.81
CA ARG G 9 3.31 -30.68 -38.61
C ARG G 9 2.95 -31.41 -37.32
N ALA G 10 2.69 -30.67 -36.25
CA ALA G 10 2.33 -31.25 -34.97
C ALA G 10 0.85 -31.61 -34.86
N GLY G 11 0.05 -31.31 -35.88
CA GLY G 11 -1.37 -31.59 -35.81
C GLY G 11 -2.08 -30.83 -34.72
N LEU G 12 -1.64 -29.61 -34.43
CA LEU G 12 -2.21 -28.78 -33.38
C LEU G 12 -2.95 -27.60 -34.01
N GLN G 13 -4.04 -27.20 -33.37
CA GLN G 13 -4.74 -25.98 -33.78
C GLN G 13 -4.04 -24.72 -33.27
N PHE G 14 -3.32 -24.81 -32.16
CA PHE G 14 -2.70 -23.63 -31.56
C PHE G 14 -1.43 -23.23 -32.28
N PRO G 15 -1.00 -21.96 -32.13
CA PRO G 15 0.12 -21.45 -32.92
C PRO G 15 1.49 -21.80 -32.36
N VAL G 16 2.05 -22.93 -32.76
CA VAL G 16 3.41 -23.29 -32.34
C VAL G 16 4.38 -22.16 -32.62
N GLY G 17 4.22 -21.48 -33.76
CA GLY G 17 5.11 -20.38 -34.08
C GLY G 17 4.97 -19.22 -33.11
N ARG G 18 3.74 -18.82 -32.80
CA ARG G 18 3.54 -17.73 -31.85
C ARG G 18 4.01 -18.12 -30.46
N VAL G 19 3.83 -19.38 -30.08
CA VAL G 19 4.31 -19.83 -28.78
C VAL G 19 5.82 -19.75 -28.72
N HIS G 20 6.50 -20.17 -29.79
CA HIS G 20 7.96 -20.07 -29.82
C HIS G 20 8.40 -18.61 -29.75
N ARG G 21 7.73 -17.73 -30.49
CA ARG G 21 8.11 -16.33 -30.47
C ARG G 21 7.88 -15.72 -29.09
N LEU G 22 6.77 -16.08 -28.44
CA LEU G 22 6.51 -15.58 -27.09
C LEU G 22 7.55 -16.09 -26.10
N LEU G 23 7.93 -17.37 -26.20
CA LEU G 23 8.96 -17.89 -25.32
C LEU G 23 10.28 -17.18 -25.54
N ARG G 24 10.63 -16.92 -26.81
CA ARG G 24 11.87 -16.21 -27.09
C ARG G 24 11.84 -14.79 -26.54
N LYS G 25 10.76 -14.05 -26.80
CA LYS G 25 10.63 -12.68 -26.36
C LYS G 25 10.16 -12.53 -24.92
N GLY G 26 9.77 -13.61 -24.27
CA GLY G 26 9.32 -13.55 -22.90
C GLY G 26 10.41 -13.52 -21.85
N ASN G 27 11.67 -13.59 -22.25
CA ASN G 27 12.81 -13.57 -21.33
C ASN G 27 12.70 -14.69 -20.30
N TYR G 28 12.32 -15.88 -20.78
CA TYR G 28 12.27 -17.07 -19.94
C TYR G 28 13.59 -17.82 -19.90
N ALA G 29 14.38 -17.72 -20.97
CA ALA G 29 15.71 -18.33 -20.99
C ALA G 29 16.50 -17.69 -22.12
N GLU G 30 17.82 -17.91 -22.08
CA GLU G 30 18.69 -17.34 -23.11
C GLU G 30 18.32 -17.90 -24.48
N ARG G 31 17.91 -19.16 -24.54
CA ARG G 31 17.47 -19.79 -25.77
C ARG G 31 16.27 -20.69 -25.46
N VAL G 32 15.52 -21.01 -26.50
CA VAL G 32 14.31 -21.82 -26.40
C VAL G 32 14.43 -22.99 -27.35
N GLY G 33 14.11 -24.19 -26.86
CA GLY G 33 14.26 -25.38 -27.67
C GLY G 33 13.27 -25.41 -28.83
N ALA G 34 13.58 -26.26 -29.80
CA ALA G 34 12.71 -26.39 -30.97
C ALA G 34 11.47 -27.20 -30.65
N GLY G 35 11.60 -28.22 -29.80
CA GLY G 35 10.45 -29.01 -29.38
C GLY G 35 9.66 -28.43 -28.23
N ALA G 36 10.20 -27.44 -27.54
CA ALA G 36 9.48 -26.81 -26.45
C ALA G 36 8.19 -26.13 -26.88
N PRO G 37 8.16 -25.28 -27.93
CA PRO G 37 6.88 -24.65 -28.28
C PRO G 37 5.83 -25.64 -28.73
N VAL G 38 6.22 -26.73 -29.39
CA VAL G 38 5.25 -27.75 -29.76
C VAL G 38 4.62 -28.35 -28.51
N TYR G 39 5.43 -28.66 -27.51
CA TYR G 39 4.91 -29.24 -26.28
C TYR G 39 3.99 -28.26 -25.57
N LEU G 40 4.40 -27.00 -25.47
CA LEU G 40 3.59 -26.02 -24.75
C LEU G 40 2.29 -25.73 -25.49
N ALA G 41 2.34 -25.65 -26.81
CA ALA G 41 1.12 -25.46 -27.60
C ALA G 41 0.19 -26.65 -27.46
N ALA G 42 0.74 -27.86 -27.42
CA ALA G 42 -0.08 -29.04 -27.23
C ALA G 42 -0.77 -29.02 -25.88
N VAL G 43 -0.03 -28.64 -24.83
CA VAL G 43 -0.61 -28.58 -23.49
C VAL G 43 -1.72 -27.52 -23.44
N LEU G 44 -1.46 -26.34 -24.02
CA LEU G 44 -2.46 -25.30 -24.03
C LEU G 44 -3.70 -25.72 -24.81
N GLU G 45 -3.50 -26.40 -25.95
CA GLU G 45 -4.63 -26.88 -26.73
C GLU G 45 -5.43 -27.90 -25.95
N TYR G 46 -4.76 -28.82 -25.25
CA TYR G 46 -5.49 -29.82 -24.49
C TYR G 46 -6.30 -29.18 -23.37
N LEU G 47 -5.70 -28.23 -22.64
CA LEU G 47 -6.45 -27.59 -21.56
C LEU G 47 -7.61 -26.79 -22.10
N THR G 48 -7.40 -26.05 -23.20
CA THR G 48 -8.49 -25.31 -23.80
C THR G 48 -9.59 -26.24 -24.27
N ALA G 49 -9.22 -27.40 -24.83
CA ALA G 49 -10.22 -28.38 -25.22
C ALA G 49 -11.01 -28.88 -24.02
N GLU G 50 -10.34 -29.08 -22.89
CA GLU G 50 -11.03 -29.54 -21.69
C GLU G 50 -12.04 -28.49 -21.21
N ILE G 51 -11.60 -27.23 -21.09
CA ILE G 51 -12.51 -26.18 -20.64
C ILE G 51 -13.68 -26.04 -21.60
N LEU G 52 -13.41 -26.06 -22.92
CA LEU G 52 -14.49 -25.87 -23.87
C LEU G 52 -15.42 -27.07 -23.91
N GLU G 53 -14.91 -28.28 -23.71
CA GLU G 53 -15.77 -29.45 -23.67
C GLU G 53 -16.73 -29.37 -22.49
N LEU G 54 -16.19 -29.09 -21.30
CA LEU G 54 -17.06 -29.00 -20.12
C LEU G 54 -18.01 -27.83 -20.22
N ALA G 55 -17.55 -26.70 -20.78
CA ALA G 55 -18.42 -25.54 -20.93
C ALA G 55 -19.54 -25.81 -21.92
N GLY G 56 -19.24 -26.51 -23.02
CA GLY G 56 -20.29 -26.87 -23.94
C GLY G 56 -21.28 -27.84 -23.35
N ASN G 57 -20.79 -28.77 -22.51
CA ASN G 57 -21.72 -29.64 -21.78
C ASN G 57 -22.63 -28.82 -20.88
N ALA G 58 -22.08 -27.84 -20.16
CA ALA G 58 -22.90 -26.98 -19.32
C ALA G 58 -23.90 -26.19 -20.14
N ALA G 59 -23.47 -25.68 -21.29
CA ALA G 59 -24.38 -24.91 -22.14
C ALA G 59 -25.52 -25.78 -22.67
N ARG G 60 -25.19 -27.01 -23.07
CA ARG G 60 -26.22 -27.95 -23.50
C ARG G 60 -27.17 -28.28 -22.36
N ASP G 61 -26.66 -28.34 -21.13
CA ASP G 61 -27.54 -28.55 -19.98
C ASP G 61 -28.51 -27.40 -19.82
N ASN G 62 -28.12 -26.18 -20.19
CA ASN G 62 -28.96 -25.00 -20.13
C ASN G 62 -29.72 -24.75 -21.44
N LYS G 63 -29.59 -25.63 -22.42
CA LYS G 63 -30.28 -25.48 -23.71
C LYS G 63 -29.84 -24.20 -24.43
N LYS G 64 -28.56 -23.88 -24.32
CA LYS G 64 -27.96 -22.72 -24.97
C LYS G 64 -26.76 -23.18 -25.80
N THR G 65 -26.63 -22.59 -26.99
CA THR G 65 -25.58 -22.97 -27.94
C THR G 65 -24.42 -21.99 -27.98
N ARG G 66 -24.34 -21.04 -27.05
CA ARG G 66 -23.23 -20.11 -26.95
C ARG G 66 -22.62 -20.23 -25.55
N ILE G 67 -21.31 -20.46 -25.50
CA ILE G 67 -20.62 -20.53 -24.21
C ILE G 67 -20.44 -19.13 -23.67
N ILE G 68 -20.99 -18.87 -22.49
CA ILE G 68 -20.92 -17.57 -21.83
C ILE G 68 -20.00 -17.72 -20.62
N PRO G 69 -19.63 -16.63 -19.94
CA PRO G 69 -18.78 -16.78 -18.75
C PRO G 69 -19.38 -17.66 -17.67
N ARG G 70 -20.70 -17.67 -17.52
CA ARG G 70 -21.34 -18.54 -16.54
C ARG G 70 -21.05 -20.00 -16.84
N HIS G 71 -21.10 -20.38 -18.11
CA HIS G 71 -20.83 -21.76 -18.47
C HIS G 71 -19.39 -22.13 -18.20
N LEU G 72 -18.45 -21.20 -18.44
CA LEU G 72 -17.06 -21.45 -18.09
C LEU G 72 -16.89 -21.63 -16.59
N GLN G 73 -17.58 -20.80 -15.80
CA GLN G 73 -17.51 -20.94 -14.34
C GLN G 73 -18.04 -22.29 -13.90
N LEU G 74 -19.18 -22.72 -14.44
CA LEU G 74 -19.72 -24.02 -14.08
C LEU G 74 -18.75 -25.14 -14.48
N ALA G 75 -18.18 -25.04 -15.68
CA ALA G 75 -17.23 -26.06 -16.14
C ALA G 75 -16.02 -26.15 -15.22
N VAL G 76 -15.45 -25.00 -14.85
CA VAL G 76 -14.25 -25.00 -14.02
C VAL G 76 -14.57 -25.53 -12.62
N ARG G 77 -15.61 -24.98 -11.98
CA ARG G 77 -15.84 -25.27 -10.58
C ARG G 77 -16.50 -26.62 -10.35
N ASN G 78 -17.18 -27.18 -11.33
CA ASN G 78 -17.75 -28.51 -11.19
C ASN G 78 -16.72 -29.62 -11.42
N ASP G 79 -15.55 -29.30 -11.95
CA ASP G 79 -14.48 -30.26 -12.15
C ASP G 79 -13.45 -29.99 -11.06
N GLU G 80 -13.12 -31.03 -10.29
CA GLU G 80 -12.22 -30.86 -9.15
C GLU G 80 -10.83 -30.44 -9.59
N GLU G 81 -10.29 -31.09 -10.62
CA GLU G 81 -8.91 -30.84 -11.03
C GLU G 81 -8.77 -29.44 -11.63
N LEU G 82 -9.71 -29.06 -12.50
CA LEU G 82 -9.65 -27.73 -13.10
C LEU G 82 -9.85 -26.65 -12.04
N ASN G 83 -10.75 -26.88 -11.10
CA ASN G 83 -10.94 -25.92 -10.01
C ASN G 83 -9.68 -25.77 -9.18
N LYS G 84 -9.00 -26.89 -8.91
CA LYS G 84 -7.74 -26.82 -8.19
C LYS G 84 -6.69 -26.03 -8.98
N LEU G 85 -6.64 -26.25 -10.29
CA LEU G 85 -5.73 -25.48 -11.13
C LEU G 85 -6.07 -24.00 -11.10
N LEU G 86 -7.36 -23.67 -11.17
CA LEU G 86 -7.86 -22.30 -11.17
C LEU G 86 -8.48 -21.92 -9.83
N GLY G 87 -7.90 -22.42 -8.74
CA GLY G 87 -8.47 -22.14 -7.42
C GLY G 87 -8.38 -20.68 -7.04
N ARG G 88 -7.25 -20.03 -7.33
CA ARG G 88 -7.04 -18.64 -6.99
C ARG G 88 -7.52 -17.67 -8.07
N VAL G 89 -8.32 -18.15 -9.02
CA VAL G 89 -8.73 -17.38 -10.19
C VAL G 89 -10.18 -16.97 -10.04
N THR G 90 -10.47 -15.73 -10.43
CA THR G 90 -11.84 -15.23 -10.52
C THR G 90 -12.22 -15.08 -11.99
N ILE G 91 -13.33 -15.68 -12.38
CA ILE G 91 -13.85 -15.60 -13.75
C ILE G 91 -14.94 -14.54 -13.76
N ALA G 92 -14.73 -13.50 -14.56
CA ALA G 92 -15.66 -12.38 -14.58
C ALA G 92 -17.02 -12.83 -15.10
N GLN G 93 -18.09 -12.34 -14.45
CA GLN G 93 -19.46 -12.69 -14.79
C GLN G 93 -19.69 -14.20 -14.72
N GLY G 94 -18.97 -14.88 -13.82
CA GLY G 94 -19.07 -16.30 -13.68
C GLY G 94 -20.09 -16.73 -12.63
N GLY G 95 -20.19 -15.95 -11.55
CA GLY G 95 -21.09 -16.30 -10.48
C GLY G 95 -20.52 -17.36 -9.57
N VAL G 96 -21.43 -18.12 -8.94
CA VAL G 96 -21.08 -19.16 -7.98
C VAL G 96 -21.88 -20.41 -8.32
N LEU G 97 -21.31 -21.56 -7.98
CA LEU G 97 -22.03 -22.80 -8.13
C LEU G 97 -23.27 -22.79 -7.25
N PRO G 98 -24.42 -23.33 -7.70
CA PRO G 98 -25.57 -23.41 -6.78
C PRO G 98 -25.31 -24.37 -5.65
N ASN G 99 -25.16 -23.85 -4.43
CA ASN G 99 -24.98 -24.69 -3.25
C ASN G 99 -25.52 -23.97 -2.03
N ILE G 100 -26.13 -24.75 -1.13
CA ILE G 100 -26.68 -24.25 0.13
C ILE G 100 -26.32 -25.27 1.20
N GLN G 101 -25.88 -24.77 2.35
CA GLN G 101 -25.49 -25.67 3.43
C GLN G 101 -26.71 -26.46 3.92
N SER G 102 -26.48 -27.71 4.29
CA SER G 102 -27.57 -28.62 4.58
C SER G 102 -28.41 -28.15 5.76
N VAL G 103 -27.77 -27.68 6.83
CA VAL G 103 -28.51 -27.26 8.01
C VAL G 103 -29.35 -26.01 7.75
N LEU G 104 -29.01 -25.22 6.73
CA LEU G 104 -29.79 -24.02 6.42
C LEU G 104 -31.14 -24.34 5.79
N LEU G 105 -31.26 -25.47 5.10
CA LEU G 105 -32.54 -25.81 4.50
C LEU G 105 -33.56 -26.11 5.60
N PRO G 106 -34.86 -25.93 5.33
CA PRO G 106 -35.85 -26.17 6.38
C PRO G 106 -35.93 -27.64 6.77
N LYS G 107 -36.28 -27.87 8.02
CA LYS G 107 -36.39 -29.23 8.54
C LYS G 107 -37.58 -29.95 7.92
N THR H 1 -2.99 -0.35 -33.79
CA THR H 1 -2.14 -1.43 -34.30
C THR H 1 -2.75 -2.79 -33.97
N ARG H 2 -2.16 -3.85 -34.52
CA ARG H 2 -2.67 -5.19 -34.31
C ARG H 2 -2.54 -5.60 -32.86
N LYS H 3 -3.62 -6.15 -32.30
CA LYS H 3 -3.64 -6.74 -30.95
C LYS H 3 -3.88 -8.23 -31.12
N GLU H 4 -2.83 -9.02 -30.99
CA GLU H 4 -2.92 -10.46 -31.19
C GLU H 4 -3.61 -11.13 -30.00
N SER H 5 -4.21 -12.28 -30.27
CA SER H 5 -4.94 -13.02 -29.26
C SER H 5 -5.11 -14.46 -29.73
N TYR H 6 -5.53 -15.32 -28.80
CA TYR H 6 -5.78 -16.73 -29.09
C TYR H 6 -7.22 -17.00 -29.49
N ALA H 7 -7.92 -15.99 -30.03
CA ALA H 7 -9.34 -16.15 -30.33
C ALA H 7 -9.58 -17.17 -31.42
N ILE H 8 -8.83 -17.07 -32.53
CA ILE H 8 -9.07 -17.95 -33.67
C ILE H 8 -8.77 -19.40 -33.31
N TYR H 9 -7.74 -19.64 -32.51
CA TYR H 9 -7.37 -21.01 -32.18
C TYR H 9 -8.32 -21.60 -31.14
N VAL H 10 -8.79 -20.76 -30.21
CA VAL H 10 -9.81 -21.21 -29.26
C VAL H 10 -11.07 -21.58 -30.03
N TYR H 11 -11.43 -20.77 -31.03
CA TYR H 11 -12.60 -21.10 -31.85
C TYR H 11 -12.39 -22.40 -32.60
N LYS H 12 -11.19 -22.62 -33.16
CA LYS H 12 -10.92 -23.85 -33.88
C LYS H 12 -11.03 -25.07 -32.96
N VAL H 13 -10.48 -24.96 -31.74
CA VAL H 13 -10.58 -26.07 -30.79
C VAL H 13 -12.05 -26.30 -30.41
N LEU H 14 -12.81 -25.22 -30.25
CA LEU H 14 -14.22 -25.35 -29.90
C LEU H 14 -14.99 -26.09 -30.99
N LYS H 15 -14.81 -25.68 -32.25
CA LYS H 15 -15.47 -26.39 -33.34
C LYS H 15 -14.94 -27.80 -33.52
N GLN H 16 -13.72 -28.08 -33.05
CA GLN H 16 -13.23 -29.45 -33.04
C GLN H 16 -13.98 -30.28 -32.00
N VAL H 17 -14.23 -29.70 -30.82
CA VAL H 17 -14.84 -30.46 -29.73
C VAL H 17 -16.36 -30.43 -29.83
N HIS H 18 -16.95 -29.23 -29.93
CA HIS H 18 -18.40 -29.04 -30.00
C HIS H 18 -18.72 -28.34 -31.31
N PRO H 19 -19.02 -29.07 -32.39
CA PRO H 19 -19.26 -28.40 -33.69
C PRO H 19 -20.42 -27.42 -33.69
N ASP H 20 -21.46 -27.67 -32.90
CA ASP H 20 -22.68 -26.88 -32.98
C ASP H 20 -22.74 -25.73 -31.97
N THR H 21 -21.71 -25.55 -31.14
CA THR H 21 -21.73 -24.60 -30.04
C THR H 21 -20.84 -23.42 -30.36
N GLY H 22 -21.37 -22.21 -30.18
CA GLY H 22 -20.60 -21.00 -30.31
C GLY H 22 -19.95 -20.58 -29.00
N ILE H 23 -19.41 -19.38 -28.99
CA ILE H 23 -18.79 -18.81 -27.79
C ILE H 23 -18.90 -17.30 -27.85
N SER H 24 -19.28 -16.68 -26.73
CA SER H 24 -19.49 -15.25 -26.67
C SER H 24 -18.16 -14.51 -26.53
N SER H 25 -18.21 -13.19 -26.77
CA SER H 25 -17.01 -12.37 -26.70
C SER H 25 -16.43 -12.34 -25.30
N LYS H 26 -17.29 -12.23 -24.28
CA LYS H 26 -16.80 -12.28 -22.91
C LYS H 26 -16.18 -13.64 -22.59
N ALA H 27 -16.84 -14.71 -23.01
CA ALA H 27 -16.27 -16.05 -22.82
C ALA H 27 -15.00 -16.23 -23.63
N MET H 28 -14.95 -15.67 -24.84
CA MET H 28 -13.73 -15.75 -25.64
C MET H 28 -12.58 -15.01 -24.95
N SER H 29 -12.86 -13.84 -24.39
CA SER H 29 -11.83 -13.10 -23.67
C SER H 29 -11.37 -13.85 -22.43
N ILE H 30 -12.30 -14.51 -21.73
CA ILE H 30 -11.92 -15.29 -20.56
C ILE H 30 -11.05 -16.47 -20.96
N MET H 31 -11.39 -17.12 -22.07
CA MET H 31 -10.57 -18.24 -22.55
C MET H 31 -9.19 -17.75 -22.99
N ASN H 32 -9.12 -16.58 -23.62
CA ASN H 32 -7.84 -16.00 -23.98
C ASN H 32 -7.01 -15.71 -22.74
N SER H 33 -7.62 -15.14 -21.71
CA SER H 33 -6.91 -14.86 -20.47
C SER H 33 -6.45 -16.16 -19.82
N PHE H 34 -7.26 -17.21 -19.89
CA PHE H 34 -6.86 -18.51 -19.35
C PHE H 34 -5.64 -19.05 -20.09
N VAL H 35 -5.66 -18.99 -21.42
CA VAL H 35 -4.53 -19.49 -22.21
C VAL H 35 -3.28 -18.68 -21.88
N ASN H 36 -3.39 -17.36 -21.81
CA ASN H 36 -2.24 -16.53 -21.49
C ASN H 36 -1.71 -16.82 -20.09
N ASP H 37 -2.61 -16.98 -19.12
CA ASP H 37 -2.18 -17.23 -17.75
C ASP H 37 -1.48 -18.57 -17.63
N VAL H 38 -2.04 -19.61 -18.27
CA VAL H 38 -1.40 -20.93 -18.19
C VAL H 38 -0.07 -20.90 -18.92
N PHE H 39 0.00 -20.19 -20.05
CA PHE H 39 1.27 -20.05 -20.75
C PHE H 39 2.31 -19.39 -19.86
N GLU H 40 1.92 -18.31 -19.17
CA GLU H 40 2.85 -17.64 -18.27
C GLU H 40 3.27 -18.54 -17.13
N ARG H 41 2.33 -19.29 -16.55
CA ARG H 41 2.67 -20.20 -15.45
C ARG H 41 3.67 -21.25 -15.91
N ILE H 42 3.37 -21.94 -17.02
CA ILE H 42 4.25 -23.00 -17.49
C ILE H 42 5.60 -22.45 -17.89
N ALA H 43 5.61 -21.31 -18.60
CA ALA H 43 6.88 -20.73 -19.03
C ALA H 43 7.72 -20.27 -17.84
N GLY H 44 7.09 -19.67 -16.84
CA GLY H 44 7.84 -19.26 -15.67
C GLY H 44 8.39 -20.44 -14.89
N GLU H 45 7.60 -21.49 -14.75
CA GLU H 45 8.10 -22.68 -14.05
C GLU H 45 9.24 -23.32 -14.83
N ALA H 46 9.14 -23.36 -16.16
CA ALA H 46 10.22 -23.91 -16.97
C ALA H 46 11.46 -23.04 -16.86
N SER H 47 11.30 -21.72 -16.80
CA SER H 47 12.44 -20.83 -16.63
C SER H 47 13.11 -21.07 -15.28
N ARG H 48 12.33 -21.21 -14.22
CA ARG H 48 12.89 -21.52 -12.92
C ARG H 48 13.62 -22.86 -12.94
N LEU H 49 13.04 -23.85 -13.61
CA LEU H 49 13.69 -25.16 -13.69
C LEU H 49 15.01 -25.08 -14.44
N ALA H 50 15.04 -24.32 -15.54
CA ALA H 50 16.27 -24.15 -16.29
C ALA H 50 17.33 -23.45 -15.45
N HIS H 51 16.92 -22.44 -14.68
CA HIS H 51 17.88 -21.73 -13.84
C HIS H 51 18.41 -22.63 -12.73
N TYR H 52 17.55 -23.45 -12.13
CA TYR H 52 17.98 -24.30 -11.03
C TYR H 52 19.00 -25.32 -11.48
N ASN H 53 18.81 -25.91 -12.66
CA ASN H 53 19.74 -26.88 -13.21
C ASN H 53 20.89 -26.24 -13.97
N LYS H 54 21.01 -24.90 -13.93
CA LYS H 54 22.10 -24.19 -14.60
C LYS H 54 22.07 -24.45 -16.10
N ARG H 55 20.88 -24.51 -16.67
CA ARG H 55 20.67 -24.72 -18.10
C ARG H 55 20.14 -23.44 -18.72
N SER H 56 20.70 -23.08 -19.87
CA SER H 56 20.32 -21.86 -20.57
C SER H 56 19.18 -22.03 -21.55
N THR H 57 18.70 -23.26 -21.77
CA THR H 57 17.70 -23.55 -22.78
C THR H 57 16.44 -24.10 -22.13
N ILE H 58 15.31 -23.86 -22.80
CA ILE H 58 14.02 -24.45 -22.45
C ILE H 58 13.67 -25.43 -23.56
N THR H 59 14.03 -26.70 -23.39
CA THR H 59 13.62 -27.75 -24.30
C THR H 59 12.30 -28.34 -23.81
N SER H 60 11.84 -29.39 -24.49
CA SER H 60 10.56 -29.99 -24.14
C SER H 60 10.58 -30.60 -22.75
N ARG H 61 11.76 -30.97 -22.24
CA ARG H 61 11.84 -31.59 -20.93
C ARG H 61 11.43 -30.62 -19.82
N GLU H 62 11.90 -29.37 -19.88
CA GLU H 62 11.50 -28.39 -18.87
C GLU H 62 10.01 -28.11 -18.94
N ILE H 63 9.45 -28.05 -20.15
CA ILE H 63 8.01 -27.81 -20.27
C ILE H 63 7.23 -28.97 -19.70
N GLN H 64 7.69 -30.21 -19.95
CA GLN H 64 7.01 -31.38 -19.41
C GLN H 64 7.07 -31.38 -17.89
N THR H 65 8.22 -31.06 -17.32
CA THR H 65 8.33 -31.01 -15.86
C THR H 65 7.46 -29.89 -15.30
N ALA H 66 7.40 -28.74 -15.97
CA ALA H 66 6.55 -27.66 -15.51
C ALA H 66 5.09 -28.06 -15.53
N VAL H 67 4.68 -28.80 -16.56
CA VAL H 67 3.31 -29.30 -16.63
C VAL H 67 3.05 -30.28 -15.50
N ARG H 68 4.02 -31.16 -15.21
CA ARG H 68 3.86 -32.10 -14.10
C ARG H 68 3.71 -31.36 -12.78
N LEU H 69 4.48 -30.29 -12.59
CA LEU H 69 4.43 -29.57 -11.32
C LEU H 69 3.17 -28.74 -11.20
N LEU H 70 2.66 -28.21 -12.32
CA LEU H 70 1.57 -27.25 -12.29
C LEU H 70 0.20 -27.92 -12.34
N LEU H 71 -0.08 -28.70 -13.38
CA LEU H 71 -1.38 -29.30 -13.51
C LEU H 71 -1.58 -30.37 -12.43
N PRO H 72 -2.76 -30.41 -11.74
CA PRO H 72 -2.97 -31.50 -10.77
C PRO H 72 -3.49 -32.80 -11.36
N GLY H 73 -2.91 -33.91 -10.95
CA GLY H 73 -3.51 -35.21 -11.16
C GLY H 73 -3.65 -35.58 -12.63
N GLU H 74 -4.85 -36.02 -13.01
CA GLU H 74 -5.08 -36.54 -14.35
C GLU H 74 -4.86 -35.48 -15.42
N LEU H 75 -5.03 -34.20 -15.06
CA LEU H 75 -4.73 -33.13 -16.00
C LEU H 75 -3.27 -33.19 -16.42
N ALA H 76 -2.37 -33.39 -15.46
CA ALA H 76 -0.95 -33.48 -15.78
C ALA H 76 -0.66 -34.68 -16.67
N LYS H 77 -1.26 -35.82 -16.36
CA LYS H 77 -0.99 -37.03 -17.15
C LYS H 77 -1.47 -36.86 -18.58
N HIS H 78 -2.69 -36.35 -18.76
CA HIS H 78 -3.22 -36.18 -20.10
C HIS H 78 -2.46 -35.11 -20.88
N ALA H 79 -2.10 -34.01 -20.22
CA ALA H 79 -1.34 -32.98 -20.90
C ALA H 79 0.05 -33.48 -21.29
N VAL H 80 0.68 -34.28 -20.44
CA VAL H 80 1.99 -34.82 -20.77
C VAL H 80 1.88 -35.79 -21.94
N SER H 81 0.85 -36.63 -21.95
CA SER H 81 0.68 -37.54 -23.08
C SER H 81 0.43 -36.78 -24.37
N GLU H 82 -0.39 -35.73 -24.31
CA GLU H 82 -0.66 -34.93 -25.51
C GLU H 82 0.61 -34.23 -25.99
N GLY H 83 1.40 -33.69 -25.06
CA GLY H 83 2.64 -33.04 -25.46
C GLY H 83 3.64 -34.02 -26.07
N THR H 84 3.73 -35.22 -25.50
CA THR H 84 4.60 -36.23 -26.08
C THR H 84 4.14 -36.61 -27.47
N LYS H 85 2.83 -36.77 -27.67
CA LYS H 85 2.30 -37.06 -28.99
C LYS H 85 2.64 -35.95 -29.97
N ALA H 86 2.47 -34.70 -29.56
CA ALA H 86 2.73 -33.57 -30.44
C ALA H 86 4.21 -33.51 -30.83
N VAL H 87 5.10 -33.69 -29.85
CA VAL H 87 6.53 -33.62 -30.15
C VAL H 87 6.94 -34.78 -31.06
N THR H 88 6.44 -35.99 -30.79
CA THR H 88 6.79 -37.12 -31.64
C THR H 88 6.29 -36.92 -33.06
N CYS H 89 5.05 -36.43 -33.22
CA CYS H 89 4.54 -36.18 -34.56
C CYS H 89 5.30 -35.07 -35.27
N TYR H 90 5.67 -34.02 -34.54
CA TYR H 90 6.41 -32.92 -35.13
C TYR H 90 7.79 -33.37 -35.59
N THR H 91 8.49 -34.16 -34.77
CA THR H 91 9.81 -34.65 -35.16
C THR H 91 9.74 -35.72 -36.24
N SER H 92 8.62 -36.44 -36.34
CA SER H 92 8.49 -37.44 -37.39
C SER H 92 8.44 -36.81 -38.77
N ALA H 93 7.97 -35.57 -38.86
CA ALA H 93 7.89 -34.83 -40.13
C ALA H 93 8.63 -33.51 -40.01
N SER K 1 -34.13 24.48 11.82
CA SER K 1 -33.58 25.81 12.06
C SER K 1 -32.06 25.75 12.13
N SER K 2 -31.41 26.04 11.00
CA SER K 2 -29.96 26.04 10.89
C SER K 2 -29.50 27.35 10.26
N THR K 3 -28.25 27.70 10.54
CA THR K 3 -27.66 28.97 10.10
C THR K 3 -26.55 28.69 9.09
N PHE K 4 -26.35 29.67 8.20
CA PHE K 4 -25.28 29.57 7.21
C PHE K 4 -23.91 29.57 7.88
N VAL K 5 -23.78 30.25 9.02
CA VAL K 5 -22.52 30.39 9.74
C VAL K 5 -22.65 29.68 11.08
N ASP K 6 -21.57 29.00 11.48
CA ASP K 6 -21.49 28.44 12.82
C ASP K 6 -21.23 29.57 13.79
N TRP K 7 -22.30 30.07 14.43
CA TRP K 7 -22.18 31.20 15.34
C TRP K 7 -21.29 30.88 16.54
N ASN K 8 -21.20 29.61 16.94
CA ASN K 8 -20.36 29.19 18.05
C ASN K 8 -19.01 28.63 17.59
N GLY K 9 -18.63 28.86 16.34
CA GLY K 9 -17.37 28.36 15.84
C GLY K 9 -16.19 29.06 16.47
N PRO K 10 -14.97 28.60 16.18
CA PRO K 10 -13.79 29.25 16.75
C PRO K 10 -13.69 30.71 16.33
N CYS K 11 -13.27 31.56 17.27
CA CYS K 11 -13.11 32.98 17.04
C CYS K 11 -11.63 33.30 16.98
N LEU K 12 -11.18 33.80 15.83
CA LEU K 12 -9.81 34.24 15.66
C LEU K 12 -9.66 35.66 16.21
N ARG K 13 -8.68 35.85 17.10
CA ARG K 13 -8.41 37.15 17.69
C ARG K 13 -7.50 37.94 16.77
N LEU K 14 -7.96 39.12 16.36
CA LEU K 14 -7.16 39.95 15.48
C LEU K 14 -5.94 40.47 16.21
N GLN K 15 -4.77 40.31 15.61
CA GLN K 15 -3.50 40.75 16.16
C GLN K 15 -2.91 41.94 15.43
N TYR K 16 -3.66 42.55 14.52
CA TYR K 16 -3.22 43.76 13.85
C TYR K 16 -4.46 44.45 13.27
N PRO K 17 -4.32 45.72 12.81
CA PRO K 17 -5.50 46.41 12.30
C PRO K 17 -5.98 45.82 10.97
N LEU K 18 -6.75 44.73 11.07
CA LEU K 18 -7.23 44.06 9.86
C LEU K 18 -8.13 44.97 9.04
N PHE K 19 -9.01 45.71 9.70
CA PHE K 19 -9.95 46.60 9.01
C PHE K 19 -9.35 48.00 8.94
N ASP K 20 -9.07 48.45 7.71
CA ASP K 20 -8.43 49.75 7.49
C ASP K 20 -9.45 50.84 7.79
N ILE K 21 -9.40 51.35 9.02
CA ILE K 21 -10.37 52.36 9.44
C ILE K 21 -10.10 53.68 8.72
N GLU K 22 -8.83 54.04 8.54
CA GLU K 22 -8.50 55.27 7.87
C GLU K 22 -9.01 55.28 6.43
N TYR K 23 -8.83 54.16 5.72
CA TYR K 23 -9.29 54.08 4.35
C TYR K 23 -10.80 54.21 4.26
N LEU K 24 -11.53 53.56 5.17
CA LEU K 24 -12.98 53.65 5.16
C LEU K 24 -13.46 55.06 5.50
N ARG K 25 -12.84 55.71 6.48
CA ARG K 25 -13.25 57.06 6.84
C ARG K 25 -12.88 58.09 5.79
N SER K 26 -11.82 57.84 5.02
CA SER K 26 -11.38 58.77 3.98
C SER K 26 -12.06 58.52 2.64
N HIS K 27 -12.56 57.31 2.39
CA HIS K 27 -13.19 56.96 1.13
C HIS K 27 -14.61 56.49 1.42
N GLU K 28 -15.59 57.14 0.77
CA GLU K 28 -17.00 56.84 0.95
C GLU K 28 -17.65 56.21 -0.27
N ILE K 29 -16.98 56.21 -1.42
CA ILE K 29 -17.54 55.72 -2.68
C ILE K 29 -16.60 54.64 -3.20
N TYR K 30 -17.18 53.50 -3.58
CA TYR K 30 -16.42 52.38 -4.11
C TYR K 30 -16.25 52.52 -5.61
N SER K 31 -15.00 52.40 -6.08
CA SER K 31 -14.67 52.49 -7.50
C SER K 31 -14.16 51.19 -8.09
N GLY K 32 -13.87 50.18 -7.28
CA GLY K 32 -13.40 48.92 -7.80
C GLY K 32 -14.50 48.15 -8.52
N THR K 33 -14.08 47.12 -9.26
CA THR K 33 -14.98 46.30 -10.07
C THR K 33 -14.68 44.82 -9.83
N PRO K 34 -15.14 44.27 -8.70
CA PRO K 34 -15.04 42.82 -8.51
C PRO K 34 -15.90 42.09 -9.53
N ILE K 35 -15.49 40.85 -9.81
CA ILE K 35 -16.23 39.99 -10.73
C ILE K 35 -17.61 39.75 -10.13
N GLN K 36 -18.64 40.27 -10.79
CA GLN K 36 -20.00 40.13 -10.30
C GLN K 36 -20.42 38.66 -10.32
N SER K 37 -21.15 38.25 -9.29
CA SER K 37 -21.61 36.86 -9.22
C SER K 37 -22.55 36.52 -10.36
N ILE K 38 -23.31 37.50 -10.85
CA ILE K 38 -24.23 37.25 -11.95
C ILE K 38 -23.48 36.88 -13.22
N SER K 39 -22.30 37.45 -13.44
CA SER K 39 -21.53 37.18 -14.64
C SER K 39 -20.96 35.76 -14.68
N LEU K 40 -20.91 35.07 -13.55
CA LEU K 40 -20.39 33.71 -13.52
C LEU K 40 -21.39 32.74 -14.13
N ARG K 41 -20.88 31.64 -14.66
CA ARG K 41 -21.73 30.60 -15.23
C ARG K 41 -20.94 29.31 -15.44
N THR K 60 -34.37 34.92 -12.40
CA THR K 60 -34.52 35.69 -11.18
C THR K 60 -33.16 36.08 -10.62
N THR K 61 -33.00 37.35 -10.24
CA THR K 61 -31.77 37.86 -9.67
C THR K 61 -32.09 38.69 -8.44
N ALA K 62 -31.15 38.69 -7.49
CA ALA K 62 -31.29 39.42 -6.23
C ALA K 62 -30.04 40.25 -6.02
N LYS K 63 -30.22 41.48 -5.54
CA LYS K 63 -29.11 42.41 -5.32
C LYS K 63 -28.80 42.46 -3.83
N LEU K 64 -27.56 42.14 -3.48
CA LEU K 64 -27.04 42.29 -2.13
C LEU K 64 -26.31 43.63 -2.05
N GLN K 65 -26.68 44.43 -1.04
CA GLN K 65 -26.15 45.78 -0.90
C GLN K 65 -24.93 45.76 0.00
N SER K 66 -23.85 46.38 -0.45
CA SER K 66 -22.61 46.40 0.31
C SER K 66 -22.81 47.15 1.62
N ILE K 67 -22.29 46.57 2.71
CA ILE K 67 -22.56 47.11 4.04
C ILE K 67 -21.87 48.45 4.22
N LEU K 68 -20.66 48.61 3.68
CA LEU K 68 -19.82 49.77 3.94
C LEU K 68 -19.92 50.84 2.87
N PHE K 69 -20.04 50.45 1.60
CA PHE K 69 -20.04 51.38 0.47
C PHE K 69 -21.43 51.40 -0.14
N SER K 70 -22.06 52.58 -0.13
CA SER K 70 -23.46 52.69 -0.55
C SER K 70 -23.61 52.43 -2.04
N ASN K 71 -22.63 52.82 -2.85
CA ASN K 71 -22.79 52.80 -4.30
C ASN K 71 -22.54 51.44 -4.94
N TYR K 72 -22.17 50.42 -4.17
CA TYR K 72 -21.88 49.09 -4.70
C TYR K 72 -23.00 48.13 -4.32
N MET K 73 -23.50 47.40 -5.32
CA MET K 73 -24.54 46.40 -5.14
C MET K 73 -24.24 45.23 -6.07
N GLU K 74 -24.23 44.02 -5.52
CA GLU K 74 -23.80 42.83 -6.25
C GLU K 74 -25.00 41.97 -6.61
N GLU K 75 -25.06 41.55 -7.88
CA GLU K 75 -26.15 40.75 -8.39
C GLU K 75 -25.83 39.28 -8.23
N TYR K 76 -26.81 38.50 -7.74
CA TYR K 76 -26.70 37.07 -7.59
C TYR K 76 -27.87 36.39 -8.28
N LYS K 77 -27.59 35.30 -9.00
CA LYS K 77 -28.63 34.54 -9.67
C LYS K 77 -29.28 33.61 -8.65
N VAL K 78 -30.28 34.14 -7.96
CA VAL K 78 -30.99 33.39 -6.92
C VAL K 78 -32.06 32.55 -7.62
N ASP K 79 -31.80 31.25 -7.73
CA ASP K 79 -32.74 30.32 -8.33
C ASP K 79 -32.46 28.93 -7.78
N PHE K 80 -33.42 28.36 -7.07
CA PHE K 80 -33.26 27.04 -6.47
C PHE K 80 -33.66 25.93 -7.44
N LYS K 81 -33.11 25.98 -8.66
CA LYS K 81 -33.33 24.94 -9.65
C LYS K 81 -32.08 24.56 -10.45
N ARG K 82 -30.96 25.23 -10.24
CA ARG K 82 -29.71 24.91 -10.90
C ARG K 82 -28.89 23.95 -10.05
N SER K 83 -27.84 23.40 -10.65
CA SER K 83 -26.92 22.50 -9.95
C SER K 83 -25.99 23.36 -9.10
N THR K 84 -26.19 23.31 -7.78
CA THR K 84 -25.38 24.08 -6.83
C THR K 84 -24.15 23.30 -6.37
N ALA K 85 -23.71 22.30 -7.14
CA ALA K 85 -22.53 21.56 -6.78
C ALA K 85 -21.25 22.38 -6.94
N ILE K 86 -21.20 23.28 -7.92
CA ILE K 86 -20.02 24.08 -8.19
C ILE K 86 -20.06 25.41 -7.44
N TYR K 87 -21.23 26.03 -7.33
CA TYR K 87 -21.34 27.34 -6.71
C TYR K 87 -22.78 27.56 -6.27
N ASN K 88 -22.94 28.13 -5.07
CA ASN K 88 -24.25 28.33 -4.45
C ASN K 88 -24.37 29.81 -4.07
N PRO K 89 -24.86 30.66 -5.00
CA PRO K 89 -24.99 32.09 -4.67
C PRO K 89 -25.87 32.37 -3.48
N MET K 90 -26.94 31.60 -3.30
CA MET K 90 -27.84 31.81 -2.18
C MET K 90 -27.14 31.55 -0.85
N SER K 91 -26.31 30.50 -0.80
CA SER K 91 -25.55 30.21 0.41
C SER K 91 -24.58 31.35 0.71
N GLU K 92 -23.96 31.91 -0.33
CA GLU K 92 -23.06 33.04 -0.13
C GLU K 92 -23.81 34.26 0.41
N ILE K 93 -25.00 34.52 -0.12
CA ILE K 93 -25.78 35.66 0.35
C ILE K 93 -26.15 35.47 1.81
N GLY K 94 -26.57 34.25 2.16
CA GLY K 94 -26.88 33.97 3.56
C GLY K 94 -25.68 34.15 4.46
N LYS K 95 -24.51 33.66 4.02
CA LYS K 95 -23.29 33.83 4.81
C LYS K 95 -22.96 35.30 4.99
N LEU K 96 -23.08 36.10 3.93
CA LEU K 96 -22.74 37.51 4.03
C LEU K 96 -23.70 38.25 4.95
N ILE K 97 -25.00 37.95 4.86
CA ILE K 97 -25.94 38.62 5.76
C ILE K 97 -25.68 38.20 7.20
N GLU K 98 -25.36 36.92 7.43
CA GLU K 98 -25.06 36.48 8.79
C GLU K 98 -23.80 37.14 9.33
N TYR K 99 -22.78 37.30 8.48
CA TYR K 99 -21.54 37.93 8.94
C TYR K 99 -21.75 39.42 9.18
N SER K 100 -22.62 40.05 8.40
CA SER K 100 -23.03 41.42 8.73
C SER K 100 -23.70 41.46 10.10
N CYS K 101 -24.60 40.51 10.35
CA CYS K 101 -25.26 40.43 11.64
C CYS K 101 -24.30 40.16 12.78
N LEU K 102 -23.17 39.50 12.50
CA LEU K 102 -22.24 39.01 13.52
C LEU K 102 -21.04 39.92 13.70
N VAL K 103 -20.49 40.46 12.62
CA VAL K 103 -19.18 41.11 12.62
C VAL K 103 -19.30 42.62 12.37
N PHE K 104 -19.98 43.00 11.29
CA PHE K 104 -19.86 44.35 10.74
C PHE K 104 -20.90 45.34 11.27
N LEU K 105 -21.80 44.92 12.16
CA LEU K 105 -22.90 45.76 12.64
C LEU K 105 -22.79 45.97 14.14
N PRO K 106 -22.83 47.21 14.65
CA PRO K 106 -22.86 47.40 16.11
C PRO K 106 -24.27 47.22 16.67
N SER K 107 -24.31 47.11 17.99
CA SER K 107 -25.59 47.17 18.69
C SER K 107 -26.12 48.61 18.64
N PRO K 108 -27.45 48.79 18.62
CA PRO K 108 -28.52 47.79 18.66
C PRO K 108 -28.80 47.17 17.29
N TYR K 109 -28.16 47.69 16.23
CA TYR K 109 -28.52 47.27 14.87
C TYR K 109 -28.29 45.79 14.65
N ALA K 110 -27.27 45.22 15.30
CA ALA K 110 -27.01 43.79 15.17
C ALA K 110 -28.21 42.97 15.63
N GLU K 111 -28.86 43.41 16.71
CA GLU K 111 -30.00 42.66 17.23
C GLU K 111 -31.17 42.67 16.27
N GLN K 112 -31.54 43.84 15.74
CA GLN K 112 -32.65 43.89 14.80
C GLN K 112 -32.33 43.12 13.54
N LEU K 113 -31.11 43.28 13.02
CA LEU K 113 -30.73 42.58 11.80
C LEU K 113 -30.73 41.07 12.03
N LYS K 114 -30.36 40.61 13.23
CA LYS K 114 -30.39 39.19 13.54
C LYS K 114 -31.81 38.68 13.64
N GLU K 115 -32.68 39.40 14.34
CA GLU K 115 -34.03 38.91 14.59
C GLU K 115 -34.92 38.97 13.36
N THR K 116 -34.73 39.97 12.50
CA THR K 116 -35.69 40.21 11.43
C THR K 116 -35.43 39.34 10.20
N ILE K 117 -34.20 39.27 9.74
CA ILE K 117 -33.87 38.65 8.45
C ILE K 117 -33.49 37.18 8.59
N LEU K 118 -32.64 36.86 9.57
CA LEU K 118 -32.05 35.52 9.63
C LEU K 118 -33.08 34.41 9.76
N PRO K 119 -34.11 34.50 10.60
CA PRO K 119 -35.11 33.42 10.62
C PRO K 119 -35.81 33.26 9.27
N ASP K 120 -36.27 34.36 8.69
CA ASP K 120 -36.94 34.30 7.39
C ASP K 120 -35.99 33.80 6.32
N LEU K 121 -34.74 34.29 6.32
CA LEU K 121 -33.79 33.90 5.29
C LEU K 121 -33.45 32.41 5.38
N ASN K 122 -33.21 31.92 6.59
CA ASN K 122 -32.91 30.50 6.77
C ASN K 122 -34.11 29.64 6.40
N ALA K 123 -35.32 30.07 6.77
CA ALA K 123 -36.51 29.32 6.38
C ALA K 123 -36.68 29.27 4.88
N SER K 124 -36.42 30.39 4.20
CA SER K 124 -36.51 30.41 2.74
C SER K 124 -35.47 29.49 2.11
N PHE K 125 -34.24 29.52 2.64
CA PHE K 125 -33.20 28.67 2.09
C PHE K 125 -33.52 27.19 2.29
N ASP K 126 -34.00 26.83 3.49
CA ASP K 126 -34.32 25.43 3.75
C ASP K 126 -35.47 24.96 2.88
N ASN K 127 -36.50 25.79 2.70
CA ASN K 127 -37.67 25.45 1.91
C ASN K 127 -37.52 25.81 0.44
N SER K 128 -36.37 26.33 0.01
CA SER K 128 -36.13 26.73 -1.38
C SER K 128 -37.17 27.76 -1.84
N ASP K 129 -37.53 28.66 -0.95
CA ASP K 129 -38.51 29.71 -1.25
C ASP K 129 -37.78 30.86 -1.93
N THR K 130 -37.84 30.90 -3.25
CA THR K 130 -37.16 31.96 -4.01
C THR K 130 -37.74 33.33 -3.66
N LYS K 131 -39.07 33.44 -3.62
CA LYS K 131 -39.69 34.71 -3.31
C LYS K 131 -39.35 35.15 -1.89
N GLY K 132 -39.39 34.23 -0.93
CA GLY K 132 -39.01 34.57 0.42
C GLY K 132 -37.55 35.00 0.53
N PHE K 133 -36.66 34.31 -0.19
CA PHE K 133 -35.25 34.65 -0.17
C PHE K 133 -35.02 36.05 -0.74
N VAL K 134 -35.67 36.37 -1.85
CA VAL K 134 -35.51 37.68 -2.47
C VAL K 134 -36.08 38.77 -1.56
N ASN K 135 -37.23 38.50 -0.93
CA ASN K 135 -37.80 39.46 0.00
C ASN K 135 -36.88 39.69 1.19
N ALA K 136 -36.26 38.62 1.69
CA ALA K 136 -35.31 38.76 2.78
C ALA K 136 -34.13 39.61 2.37
N ILE K 137 -33.60 39.39 1.16
CA ILE K 137 -32.48 40.21 0.67
C ILE K 137 -32.89 41.67 0.57
N ASN K 138 -34.09 41.94 0.03
CA ASN K 138 -34.53 43.32 -0.15
C ASN K 138 -34.72 44.00 1.19
N LEU K 139 -35.35 43.32 2.15
CA LEU K 139 -35.56 43.92 3.46
C LEU K 139 -34.23 44.12 4.18
N TYR K 140 -33.29 43.19 4.00
CA TYR K 140 -31.95 43.37 4.55
C TYR K 140 -31.29 44.62 3.99
N ASN K 141 -31.35 44.80 2.67
CA ASN K 141 -30.73 45.97 2.07
C ASN K 141 -31.37 47.25 2.57
N LYS K 142 -32.72 47.27 2.66
CA LYS K 142 -33.41 48.44 3.17
C LYS K 142 -33.00 48.74 4.60
N MET K 143 -32.83 47.71 5.43
CA MET K 143 -32.52 47.95 6.83
C MET K 143 -31.06 48.38 7.02
N ILE K 144 -30.16 47.91 6.16
CA ILE K 144 -28.78 48.38 6.21
C ILE K 144 -28.66 49.82 5.74
N ARG K 145 -29.43 50.21 4.71
CA ARG K 145 -29.26 51.56 4.15
C ARG K 145 -29.50 52.67 5.17
N GLU K 146 -30.47 52.52 6.07
CA GLU K 146 -30.76 53.55 7.05
C GLU K 146 -29.73 53.64 8.17
N ILE K 147 -28.82 52.67 8.27
CA ILE K 147 -27.84 52.67 9.36
C ILE K 147 -26.75 53.69 9.05
N PRO K 148 -26.33 54.54 9.99
CA PRO K 148 -25.20 55.43 9.70
C PRO K 148 -23.93 54.65 9.44
N ARG K 149 -23.16 55.14 8.46
CA ARG K 149 -21.86 54.54 8.17
C ARG K 149 -20.86 54.81 9.28
N GLN K 150 -21.02 55.93 9.99
CA GLN K 150 -20.09 56.28 11.07
C GLN K 150 -20.07 55.21 12.15
N ARG K 151 -21.26 54.73 12.55
CA ARG K 151 -21.34 53.70 13.57
C ARG K 151 -20.68 52.41 13.10
N ILE K 152 -20.87 52.05 11.83
CA ILE K 152 -20.28 50.81 11.31
C ILE K 152 -18.77 50.89 11.32
N ILE K 153 -18.20 52.01 10.87
CA ILE K 153 -16.74 52.12 10.85
C ILE K 153 -16.20 52.19 12.28
N ASP K 154 -16.95 52.82 13.20
CA ASP K 154 -16.52 52.82 14.59
C ASP K 154 -16.49 51.41 15.16
N HIS K 155 -17.50 50.60 14.85
CA HIS K 155 -17.51 49.22 15.33
C HIS K 155 -16.34 48.44 14.74
N LEU K 156 -16.07 48.63 13.44
CA LEU K 156 -14.93 47.96 12.83
C LEU K 156 -13.63 48.41 13.48
N GLU K 157 -13.57 49.66 13.93
CA GLU K 157 -12.41 50.11 14.69
C GLU K 157 -12.30 49.41 16.03
N THR K 158 -13.42 49.19 16.71
CA THR K 158 -13.42 48.58 18.03
C THR K 158 -13.39 47.05 17.99
N ILE K 159 -13.39 46.43 16.82
CA ILE K 159 -13.38 44.98 16.74
C ILE K 159 -12.01 44.45 17.17
N ASP K 160 -12.02 43.35 17.92
CA ASP K 160 -10.79 42.70 18.37
C ASP K 160 -10.76 41.21 18.03
N LYS K 161 -11.90 40.60 17.71
CA LYS K 161 -11.94 39.20 17.30
C LYS K 161 -13.07 39.03 16.31
N ILE K 162 -12.91 38.08 15.39
CA ILE K 162 -13.96 37.76 14.43
C ILE K 162 -13.96 36.25 14.18
N PRO K 163 -15.06 35.70 13.67
CA PRO K 163 -15.13 34.24 13.49
C PRO K 163 -14.02 33.74 12.57
N ARG K 164 -13.47 32.57 12.92
CA ARG K 164 -12.46 31.95 12.09
C ARG K 164 -12.99 31.63 10.70
N SER K 165 -14.29 31.35 10.60
CA SER K 165 -14.87 31.02 9.30
C SER K 165 -15.09 32.24 8.41
N PHE K 166 -14.97 33.46 8.96
CA PHE K 166 -15.22 34.64 8.14
C PHE K 166 -14.18 34.80 7.05
N ILE K 167 -12.90 34.74 7.42
CA ILE K 167 -11.85 34.86 6.41
C ILE K 167 -11.88 33.66 5.48
N HIS K 168 -12.27 32.49 5.99
CA HIS K 168 -12.38 31.31 5.14
C HIS K 168 -13.42 31.52 4.04
N ASP K 169 -14.60 32.00 4.42
CA ASP K 169 -15.65 32.24 3.44
C ASP K 169 -15.30 33.39 2.52
N PHE K 170 -14.61 34.40 3.04
CA PHE K 170 -14.18 35.51 2.19
C PHE K 170 -13.20 35.04 1.13
N LEU K 171 -12.21 34.23 1.53
CA LEU K 171 -11.27 33.67 0.58
C LEU K 171 -11.96 32.74 -0.39
N HIS K 172 -12.98 32.01 0.06
CA HIS K 172 -13.70 31.15 -0.88
C HIS K 172 -14.54 31.97 -1.86
N ILE K 173 -15.05 33.11 -1.44
CA ILE K 173 -15.75 34.00 -2.38
C ILE K 173 -14.78 34.49 -3.44
N VAL K 174 -13.59 34.92 -3.01
CA VAL K 174 -12.56 35.34 -3.97
C VAL K 174 -12.19 34.17 -4.89
N TYR K 175 -12.11 32.96 -4.32
CA TYR K 175 -11.81 31.77 -5.10
C TYR K 175 -12.87 31.52 -6.16
N THR K 176 -14.13 31.67 -5.79
CA THR K 176 -15.21 31.41 -6.74
C THR K 176 -15.23 32.46 -7.83
N ARG K 177 -14.93 33.70 -7.49
CA ARG K 177 -14.84 34.74 -8.51
C ARG K 177 -13.66 34.49 -9.45
N SER K 178 -12.57 33.93 -8.94
CA SER K 178 -11.32 33.85 -9.67
C SER K 178 -11.03 32.47 -10.25
N ILE K 179 -11.21 31.40 -9.47
CA ILE K 179 -10.66 30.10 -9.85
C ILE K 179 -11.70 29.22 -10.52
N HIS K 180 -12.95 29.26 -10.05
CA HIS K 180 -13.99 28.41 -10.64
C HIS K 180 -14.20 28.66 -12.13
N PRO K 181 -14.23 29.89 -12.64
CA PRO K 181 -14.38 30.07 -14.10
C PRO K 181 -13.28 29.42 -14.91
N GLN K 182 -12.09 29.21 -14.35
CA GLN K 182 -10.99 28.54 -15.03
C GLN K 182 -10.36 27.47 -14.14
N ALA K 183 -11.18 26.77 -13.36
CA ALA K 183 -10.65 25.73 -12.49
C ALA K 183 -10.06 24.57 -13.30
N ASN K 184 -10.71 24.21 -14.41
CA ASN K 184 -10.24 23.09 -15.22
C ASN K 184 -8.84 23.34 -15.78
N LYS K 185 -8.46 24.60 -15.98
CA LYS K 185 -7.11 24.91 -16.43
C LYS K 185 -6.04 24.46 -15.44
N LEU K 186 -6.39 24.28 -14.17
CA LEU K 186 -5.46 23.73 -13.21
C LEU K 186 -5.14 22.25 -13.43
N LYS K 187 -5.91 21.57 -14.27
CA LYS K 187 -5.70 20.15 -14.54
C LYS K 187 -4.73 19.90 -15.69
N HIS K 188 -3.97 20.92 -16.11
CA HIS K 188 -3.03 20.77 -17.21
C HIS K 188 -1.65 20.28 -16.77
N TYR K 189 -1.47 19.94 -15.50
CA TYR K 189 -0.21 19.34 -15.07
C TYR K 189 0.01 18.03 -15.81
N LYS K 190 1.20 17.87 -16.38
CA LYS K 190 1.47 16.73 -17.24
C LYS K 190 1.94 15.51 -16.47
N ALA K 191 2.72 15.70 -15.41
CA ALA K 191 3.38 14.60 -14.72
C ALA K 191 2.47 14.05 -13.61
N PHE K 192 2.82 12.86 -13.14
CA PHE K 192 2.11 12.19 -12.06
C PHE K 192 2.74 12.44 -10.70
N SER K 193 4.06 12.65 -10.65
CA SER K 193 4.80 12.78 -9.40
C SER K 193 5.53 14.11 -9.31
N ASN K 194 5.07 15.13 -10.05
CA ASN K 194 5.62 16.48 -9.90
C ASN K 194 4.70 17.45 -10.63
N TYR K 195 4.73 18.70 -10.18
CA TYR K 195 3.93 19.78 -10.75
C TYR K 195 2.43 19.51 -10.68
N VAL K 196 2.02 18.58 -9.81
CA VAL K 196 0.60 18.26 -9.68
C VAL K 196 -0.04 19.21 -8.68
N TYR K 197 -1.24 19.69 -9.02
CA TYR K 197 -1.88 20.76 -8.28
C TYR K 197 -2.79 20.19 -7.20
N GLY K 198 -2.66 20.71 -5.99
CA GLY K 198 -3.55 20.34 -4.91
C GLY K 198 -3.54 21.45 -3.88
N GLU K 199 -4.73 21.76 -3.38
CA GLU K 199 -4.94 22.86 -2.45
C GLU K 199 -5.13 22.34 -1.04
N LEU K 200 -4.81 23.20 -0.09
CA LEU K 200 -5.02 22.94 1.33
C LEU K 200 -6.14 23.85 1.82
N LEU K 201 -7.18 23.26 2.41
CA LEU K 201 -8.37 24.02 2.72
C LEU K 201 -8.08 25.06 3.80
N PRO K 202 -8.82 26.18 3.83
CA PRO K 202 -8.48 27.25 4.79
C PRO K 202 -8.54 26.83 6.25
N ASN K 203 -9.31 25.79 6.59
CA ASN K 203 -9.32 25.31 7.97
C ASN K 203 -7.94 24.78 8.37
N PHE K 204 -7.34 23.96 7.52
CA PHE K 204 -6.00 23.46 7.80
C PHE K 204 -4.99 24.59 7.84
N LEU K 205 -5.17 25.59 6.97
CA LEU K 205 -4.27 26.74 6.98
C LEU K 205 -4.34 27.50 8.29
N SER K 206 -5.56 27.75 8.79
CA SER K 206 -5.69 28.42 10.08
C SER K 206 -5.09 27.59 11.20
N ASP K 207 -5.30 26.27 11.15
CA ASP K 207 -4.75 25.39 12.18
C ASP K 207 -3.22 25.47 12.21
N VAL K 208 -2.58 25.33 11.06
CA VAL K 208 -1.12 25.34 11.04
C VAL K 208 -0.57 26.72 11.35
N TYR K 209 -1.22 27.78 10.86
CA TYR K 209 -0.75 29.13 11.18
C TYR K 209 -0.85 29.40 12.68
N GLN K 210 -1.86 28.85 13.34
CA GLN K 210 -1.91 28.97 14.81
C GLN K 210 -0.83 28.12 15.45
N GLN K 211 -0.59 26.91 14.93
CA GLN K 211 0.45 26.06 15.50
C GLN K 211 1.84 26.67 15.32
N CYS K 212 2.10 27.26 14.16
CA CYS K 212 3.39 27.87 13.88
C CYS K 212 3.53 29.28 14.44
N GLN K 213 2.48 29.82 15.06
CA GLN K 213 2.56 31.09 15.77
C GLN K 213 2.93 32.23 14.84
N LEU K 214 2.30 32.27 13.66
CA LEU K 214 2.46 33.42 12.79
C LEU K 214 1.86 34.65 13.46
N LYS K 215 2.56 35.77 13.35
CA LYS K 215 2.19 36.98 14.07
C LYS K 215 2.51 38.19 13.21
N LYS K 216 2.08 39.36 13.68
CA LYS K 216 2.39 40.61 13.01
C LYS K 216 3.89 40.80 12.93
N GLY K 217 4.37 41.18 11.75
CA GLY K 217 5.79 41.38 11.52
C GLY K 217 6.53 40.16 11.00
N ASP K 218 5.90 38.98 11.02
CA ASP K 218 6.56 37.78 10.53
C ASP K 218 6.55 37.77 9.01
N THR K 219 7.32 36.83 8.45
CA THR K 219 7.40 36.61 7.01
C THR K 219 6.98 35.18 6.70
N PHE K 220 6.15 35.03 5.67
CA PHE K 220 5.62 33.75 5.22
C PHE K 220 6.01 33.52 3.78
N MET K 221 6.66 32.39 3.50
CA MET K 221 6.94 31.96 2.14
C MET K 221 6.18 30.67 1.89
N ASP K 222 5.70 30.50 0.65
CA ASP K 222 5.01 29.28 0.23
C ASP K 222 5.69 28.81 -1.04
N LEU K 223 6.38 27.68 -0.95
CA LEU K 223 7.07 27.08 -2.10
C LEU K 223 6.07 26.27 -2.90
N GLY K 224 5.76 26.73 -4.11
CA GLY K 224 4.73 26.10 -4.91
C GLY K 224 3.36 26.57 -4.51
N SER K 225 3.10 27.87 -4.64
CA SER K 225 1.88 28.46 -4.12
C SER K 225 0.63 28.11 -4.91
N GLY K 226 0.78 27.49 -6.08
CA GLY K 226 -0.38 27.17 -6.89
C GLY K 226 -1.14 28.41 -7.30
N VAL K 227 -2.38 28.55 -6.82
CA VAL K 227 -3.17 29.75 -7.02
C VAL K 227 -2.99 30.74 -5.88
N GLY K 228 -2.07 30.49 -4.96
CA GLY K 228 -1.77 31.46 -3.91
C GLY K 228 -2.79 31.52 -2.80
N ASN K 229 -3.43 30.40 -2.45
CA ASN K 229 -4.36 30.39 -1.33
C ASN K 229 -3.62 30.67 -0.02
N CYS K 230 -2.47 30.02 0.16
CA CYS K 230 -1.77 30.11 1.44
C CYS K 230 -1.18 31.49 1.65
N VAL K 231 -0.68 32.10 0.57
CA VAL K 231 -0.07 33.43 0.68
C VAL K 231 -1.12 34.43 1.15
N VAL K 232 -2.26 34.46 0.46
CA VAL K 232 -3.29 35.44 0.79
C VAL K 232 -3.89 35.15 2.15
N GLN K 233 -4.09 33.88 2.50
CA GLN K 233 -4.66 33.57 3.80
C GLN K 233 -3.72 33.98 4.92
N ALA K 234 -2.42 33.72 4.76
CA ALA K 234 -1.46 34.15 5.77
C ALA K 234 -1.47 35.66 5.91
N ALA K 235 -1.40 36.37 4.78
CA ALA K 235 -1.37 37.83 4.82
C ALA K 235 -2.64 38.39 5.44
N LEU K 236 -3.77 37.69 5.31
CA LEU K 236 -5.02 38.18 5.88
C LEU K 236 -5.09 37.89 7.38
N GLU K 237 -5.11 36.61 7.76
CA GLU K 237 -5.40 36.24 9.14
C GLU K 237 -4.18 36.14 10.02
N CYS K 238 -3.01 36.61 9.57
CA CYS K 238 -1.82 36.67 10.41
C CYS K 238 -1.07 37.99 10.34
N GLY K 239 -1.37 38.84 9.36
CA GLY K 239 -0.72 40.14 9.28
C GLY K 239 0.77 40.08 9.07
N CYS K 240 1.25 39.14 8.26
CA CYS K 240 2.67 39.01 8.01
C CYS K 240 3.20 40.27 7.32
N ALA K 241 4.44 40.64 7.67
CA ALA K 241 5.05 41.79 7.02
C ALA K 241 5.21 41.57 5.52
N LEU K 242 5.42 40.33 5.10
CA LEU K 242 5.48 40.00 3.69
C LEU K 242 5.11 38.54 3.53
N SER K 243 4.11 38.27 2.71
CA SER K 243 3.67 36.91 2.40
C SER K 243 4.08 36.62 0.96
N PHE K 244 4.97 35.64 0.78
CA PHE K 244 5.60 35.37 -0.50
C PHE K 244 5.16 34.01 -1.04
N GLY K 245 5.05 33.90 -2.36
CA GLY K 245 4.75 32.63 -2.99
C GLY K 245 5.36 32.44 -4.36
N CYS K 246 5.98 31.29 -4.59
CA CYS K 246 6.65 31.00 -5.85
C CYS K 246 5.92 29.89 -6.58
N GLU K 247 5.70 30.09 -7.90
CA GLU K 247 4.96 29.13 -8.71
C GLU K 247 5.61 29.04 -10.08
N ILE K 248 5.50 27.86 -10.69
CA ILE K 248 6.09 27.60 -12.00
C ILE K 248 5.01 27.47 -13.08
N MET K 249 3.88 26.87 -12.77
CA MET K 249 2.88 26.58 -13.78
C MET K 249 2.26 27.87 -14.32
N ASP K 250 2.12 27.94 -15.64
CA ASP K 250 1.60 29.14 -16.28
C ASP K 250 0.12 29.33 -15.97
N ASP K 251 -0.67 28.26 -16.03
CA ASP K 251 -2.09 28.37 -15.72
C ASP K 251 -2.31 28.78 -14.28
N ALA K 252 -1.61 28.12 -13.36
CA ALA K 252 -1.70 28.49 -11.95
C ALA K 252 -1.20 29.90 -11.72
N SER K 253 -0.20 30.34 -12.49
CA SER K 253 0.31 31.70 -12.36
C SER K 253 -0.73 32.73 -12.78
N ASP K 254 -1.37 32.53 -13.93
CA ASP K 254 -2.41 33.45 -14.37
C ASP K 254 -3.58 33.45 -13.39
N LEU K 255 -3.95 32.28 -12.89
CA LEU K 255 -5.00 32.21 -11.89
C LEU K 255 -4.60 32.91 -10.60
N THR K 256 -3.31 32.85 -10.23
CA THR K 256 -2.84 33.58 -9.07
C THR K 256 -2.98 35.08 -9.27
N ILE K 257 -2.64 35.56 -10.46
CA ILE K 257 -2.79 36.99 -10.76
C ILE K 257 -4.25 37.40 -10.65
N LEU K 258 -5.14 36.61 -11.25
CA LEU K 258 -6.57 36.90 -11.20
C LEU K 258 -7.07 36.90 -9.76
N GLN K 259 -6.64 35.90 -8.98
CA GLN K 259 -7.08 35.78 -7.60
C GLN K 259 -6.59 36.95 -6.76
N TYR K 260 -5.35 37.38 -6.97
CA TYR K 260 -4.84 38.50 -6.19
C TYR K 260 -5.56 39.80 -6.55
N GLU K 261 -5.85 40.01 -7.84
CA GLU K 261 -6.60 41.21 -8.21
C GLU K 261 -8.00 41.20 -7.60
N GLU K 262 -8.67 40.05 -7.68
CA GLU K 262 -9.99 39.92 -7.06
C GLU K 262 -9.91 40.14 -5.56
N LEU K 263 -8.87 39.61 -4.93
CA LEU K 263 -8.69 39.79 -3.50
C LEU K 263 -8.49 41.25 -3.14
N LYS K 264 -7.68 41.97 -3.90
CA LYS K 264 -7.47 43.38 -3.60
C LYS K 264 -8.76 44.15 -3.73
N LYS K 265 -9.55 43.87 -4.78
CA LYS K 265 -10.83 44.54 -4.95
C LYS K 265 -11.77 44.23 -3.79
N ARG K 266 -11.85 42.96 -3.39
CA ARG K 266 -12.77 42.58 -2.32
C ARG K 266 -12.32 43.12 -0.97
N CYS K 267 -11.01 43.11 -0.72
CA CYS K 267 -10.49 43.66 0.52
C CYS K 267 -10.75 45.16 0.62
N LYS K 268 -10.63 45.87 -0.51
CA LYS K 268 -11.03 47.27 -0.50
C LYS K 268 -12.53 47.42 -0.31
N LEU K 269 -13.32 46.47 -0.81
CA LEU K 269 -14.77 46.55 -0.66
C LEU K 269 -15.18 46.47 0.80
N TYR K 270 -14.58 45.56 1.57
CA TYR K 270 -14.93 45.34 2.96
C TYR K 270 -14.07 46.15 3.93
N GLY K 271 -13.16 46.98 3.44
CA GLY K 271 -12.32 47.75 4.32
C GLY K 271 -11.20 46.96 4.98
N MET K 272 -11.01 45.70 4.58
CA MET K 272 -9.98 44.87 5.17
C MET K 272 -8.62 45.24 4.59
N ARG K 273 -7.67 45.57 5.44
CA ARG K 273 -6.31 45.85 4.99
C ARG K 273 -5.68 44.56 4.47
N LEU K 274 -4.98 44.67 3.35
CA LEU K 274 -4.20 43.57 2.78
C LEU K 274 -2.73 43.94 2.88
N ASN K 275 -1.95 43.08 3.53
CA ASN K 275 -0.54 43.36 3.75
C ASN K 275 0.24 43.15 2.44
N ASN K 276 1.56 43.32 2.53
CA ASN K 276 2.42 43.10 1.38
C ASN K 276 2.39 41.64 0.97
N VAL K 277 1.87 41.38 -0.22
CA VAL K 277 1.80 40.04 -0.80
C VAL K 277 2.61 40.06 -2.09
N GLU K 278 3.51 39.09 -2.23
CA GLU K 278 4.44 39.03 -3.34
C GLU K 278 4.42 37.65 -3.97
N PHE K 279 4.50 37.61 -5.30
CA PHE K 279 4.48 36.37 -6.06
C PHE K 279 5.62 36.35 -7.05
N SER K 280 6.30 35.22 -7.13
CA SER K 280 7.32 34.93 -8.14
C SER K 280 6.72 33.85 -9.05
N LEU K 281 6.12 34.28 -10.15
CA LEU K 281 5.29 33.42 -10.98
C LEU K 281 6.05 32.98 -12.23
N LYS K 282 5.68 31.80 -12.72
CA LYS K 282 6.24 31.25 -13.97
C LYS K 282 7.74 31.10 -13.90
N LYS K 283 8.28 30.80 -12.71
CA LYS K 283 9.70 30.54 -12.55
C LYS K 283 9.89 29.72 -11.28
N SER K 284 10.66 28.64 -11.39
CA SER K 284 10.82 27.72 -10.28
C SER K 284 11.55 28.39 -9.13
N PHE K 285 11.20 27.97 -7.90
CA PHE K 285 11.93 28.45 -6.73
C PHE K 285 13.37 27.97 -6.70
N VAL K 286 13.67 26.85 -7.36
CA VAL K 286 15.04 26.35 -7.40
C VAL K 286 15.88 27.28 -8.27
N ASP K 287 17.08 27.62 -7.78
CA ASP K 287 17.98 28.56 -8.47
C ASP K 287 17.30 29.90 -8.70
N ASN K 288 16.51 30.35 -7.72
CA ASN K 288 15.78 31.60 -7.79
C ASN K 288 16.42 32.61 -6.83
N ASN K 289 16.65 33.83 -7.32
CA ASN K 289 17.32 34.84 -6.50
C ASN K 289 16.40 35.37 -5.40
N ARG K 290 15.15 35.66 -5.75
CA ARG K 290 14.23 36.24 -4.77
C ARG K 290 13.98 35.27 -3.62
N VAL K 291 13.75 34.00 -3.93
CA VAL K 291 13.57 32.99 -2.89
C VAL K 291 14.85 32.87 -2.07
N ALA K 292 16.01 32.89 -2.72
CA ALA K 292 17.27 32.73 -1.99
C ALA K 292 17.48 33.86 -1.00
N GLU K 293 17.16 35.09 -1.38
CA GLU K 293 17.34 36.22 -0.47
C GLU K 293 16.22 36.33 0.56
N LEU K 294 15.05 35.72 0.31
CA LEU K 294 13.95 35.80 1.26
C LEU K 294 13.93 34.66 2.27
N ILE K 295 14.58 33.53 1.98
CA ILE K 295 14.66 32.43 2.94
C ILE K 295 15.27 32.86 4.27
N PRO K 296 16.37 33.63 4.31
CA PRO K 296 16.92 34.02 5.62
C PRO K 296 15.96 34.77 6.53
N GLN K 297 15.09 35.62 5.97
CA GLN K 297 14.17 36.40 6.77
C GLN K 297 12.81 35.73 6.98
N CYS K 298 12.62 34.52 6.48
CA CYS K 298 11.35 33.83 6.65
C CYS K 298 11.14 33.43 8.10
N ASP K 299 9.89 33.51 8.55
CA ASP K 299 9.47 32.98 9.84
C ASP K 299 8.61 31.74 9.70
N VAL K 300 7.90 31.56 8.57
CA VAL K 300 7.22 30.32 8.26
C VAL K 300 7.38 30.01 6.78
N ILE K 301 7.62 28.74 6.46
CA ILE K 301 7.83 28.28 5.09
C ILE K 301 6.93 27.07 4.85
N LEU K 302 5.91 27.22 4.03
CA LEU K 302 4.98 26.14 3.73
C LEU K 302 5.36 25.54 2.37
N VAL K 303 5.64 24.24 2.35
CA VAL K 303 5.98 23.53 1.12
C VAL K 303 5.07 22.31 1.01
N ASN K 304 4.21 22.31 -0.01
CA ASN K 304 3.29 21.20 -0.22
C ASN K 304 4.01 20.14 -1.03
N ASN K 305 4.80 19.33 -0.33
CA ASN K 305 5.63 18.30 -0.93
C ASN K 305 4.99 16.92 -0.83
N PHE K 306 3.67 16.86 -1.01
CA PHE K 306 2.96 15.58 -0.91
C PHE K 306 3.44 14.62 -1.98
N LEU K 307 3.68 15.12 -3.20
CA LEU K 307 4.12 14.28 -4.32
C LEU K 307 5.42 14.81 -4.97
N PHE K 308 6.13 15.71 -4.30
CA PHE K 308 7.45 16.11 -4.78
C PHE K 308 8.37 14.90 -4.81
N ASP K 309 9.06 14.72 -5.94
CA ASP K 309 9.99 13.62 -6.07
C ASP K 309 11.23 13.89 -5.24
N GLU K 310 12.12 12.90 -5.19
CA GLU K 310 13.30 13.00 -4.32
C GLU K 310 14.25 14.09 -4.82
N ASP K 311 14.35 14.27 -6.14
CA ASP K 311 15.21 15.33 -6.66
C ASP K 311 14.72 16.70 -6.23
N LEU K 312 13.41 16.94 -6.33
CA LEU K 312 12.87 18.23 -5.90
C LEU K 312 12.97 18.39 -4.39
N ASN K 313 12.88 17.28 -3.64
CA ASN K 313 13.11 17.36 -2.19
C ASN K 313 14.55 17.78 -1.90
N LYS K 314 15.51 17.25 -2.66
CA LYS K 314 16.90 17.65 -2.49
C LYS K 314 17.07 19.13 -2.82
N LYS K 315 16.41 19.60 -3.88
CA LYS K 315 16.51 21.02 -4.23
C LYS K 315 15.91 21.89 -3.14
N VAL K 316 14.79 21.46 -2.56
CA VAL K 316 14.19 22.21 -1.46
C VAL K 316 15.13 22.22 -0.25
N GLU K 317 15.81 21.10 0.00
CA GLU K 317 16.81 21.06 1.08
C GLU K 317 17.93 22.05 0.81
N LYS K 318 18.41 22.10 -0.43
CA LYS K 318 19.46 23.04 -0.81
C LYS K 318 19.01 24.47 -0.57
N ILE K 319 17.77 24.79 -0.92
CA ILE K 319 17.25 26.13 -0.70
C ILE K 319 17.15 26.42 0.80
N LEU K 320 16.63 25.46 1.57
CA LEU K 320 16.39 25.66 2.98
C LEU K 320 17.68 25.68 3.81
N GLN K 321 18.83 25.35 3.21
CA GLN K 321 20.09 25.48 3.93
C GLN K 321 20.29 26.86 4.55
N THR K 322 19.81 27.91 3.90
CA THR K 322 19.97 29.27 4.39
C THR K 322 18.89 29.68 5.39
N ALA K 323 18.04 28.75 5.81
CA ALA K 323 16.96 29.09 6.74
C ALA K 323 17.52 29.52 8.09
N LYS K 324 16.80 30.42 8.75
CA LYS K 324 17.22 30.98 10.03
C LYS K 324 16.74 30.11 11.19
N VAL K 325 17.17 30.49 12.39
CA VAL K 325 16.73 29.81 13.61
C VAL K 325 15.34 30.31 13.98
N GLY K 326 14.49 29.39 14.45
CA GLY K 326 13.12 29.69 14.78
C GLY K 326 12.15 29.57 13.62
N CYS K 327 12.65 29.51 12.39
CA CYS K 327 11.78 29.36 11.23
C CYS K 327 11.14 27.98 11.25
N LYS K 328 9.82 27.95 11.08
CA LYS K 328 9.03 26.73 11.10
C LYS K 328 8.62 26.38 9.68
N ILE K 329 8.84 25.13 9.29
CA ILE K 329 8.62 24.68 7.92
C ILE K 329 7.48 23.68 7.94
N ILE K 330 6.37 24.04 7.33
CA ILE K 330 5.19 23.18 7.25
C ILE K 330 5.30 22.35 5.98
N SER K 331 4.90 21.08 6.05
CA SER K 331 4.93 20.24 4.86
C SER K 331 3.98 19.08 5.05
N LEU K 332 3.61 18.46 3.92
CA LEU K 332 2.77 17.27 3.92
C LEU K 332 3.57 16.00 4.07
N LYS K 333 4.85 16.02 3.70
CA LYS K 333 5.78 14.92 3.93
C LYS K 333 7.03 15.49 4.58
N SER K 334 7.74 14.63 5.30
CA SER K 334 8.93 15.07 6.03
C SER K 334 9.96 15.63 5.07
N LEU K 335 10.50 16.80 5.40
CA LEU K 335 11.56 17.38 4.59
C LEU K 335 12.78 16.47 4.57
N ARG K 336 13.15 15.96 5.74
CA ARG K 336 14.25 15.01 5.84
C ARG K 336 13.73 13.64 5.41
N SER K 337 14.49 12.98 4.54
CA SER K 337 14.18 11.59 4.24
C SER K 337 14.24 10.77 5.52
N LEU K 338 13.30 9.83 5.66
CA LEU K 338 13.17 9.11 6.92
C LEU K 338 14.39 8.24 7.23
N THR K 339 15.27 8.00 6.25
CA THR K 339 16.56 7.36 6.47
C THR K 339 17.71 8.36 6.41
N TYR K 340 17.51 9.56 6.94
CA TYR K 340 18.52 10.61 6.91
C TYR K 340 19.48 10.43 8.07
N GLN K 341 20.78 10.52 7.78
CA GLN K 341 21.83 10.36 8.78
C GLN K 341 22.89 11.45 8.59
N ILE K 342 23.88 11.45 9.49
CA ILE K 342 24.94 12.45 9.52
C ILE K 342 26.26 11.68 9.49
N ASN K 343 26.92 11.63 8.32
CA ASN K 343 28.26 11.07 8.22
C ASN K 343 29.31 12.07 7.75
N PHE K 344 29.19 12.62 6.54
CA PHE K 344 30.18 13.54 5.98
C PHE K 344 29.59 14.88 5.55
N TYR K 345 28.58 14.87 4.68
CA TYR K 345 28.08 16.07 4.04
C TYR K 345 26.87 16.64 4.77
N ASN K 346 26.82 16.45 6.10
CA ASN K 346 25.69 16.86 6.91
C ASN K 346 26.07 17.77 8.07
N VAL K 347 27.35 17.91 8.37
CA VAL K 347 27.76 18.73 9.52
C VAL K 347 27.37 20.19 9.30
N GLU K 348 27.44 20.66 8.05
CA GLU K 348 27.07 22.02 7.70
C GLU K 348 25.63 22.14 7.22
N ASN K 349 24.86 21.06 7.30
CA ASN K 349 23.52 21.02 6.74
C ASN K 349 22.48 21.52 7.75
N ILE K 350 21.38 22.04 7.23
CA ILE K 350 20.32 22.57 8.07
C ILE K 350 19.43 21.46 8.64
N PHE K 351 19.26 20.36 7.90
CA PHE K 351 18.31 19.33 8.30
C PHE K 351 18.69 18.68 9.63
N ASN K 352 19.95 18.76 10.03
CA ASN K 352 20.31 18.25 11.35
C ASN K 352 19.64 19.04 12.46
N ARG K 353 19.40 20.34 12.25
CA ARG K 353 18.85 21.22 13.26
C ARG K 353 17.34 21.31 13.21
N LEU K 354 16.68 20.41 12.49
CA LEU K 354 15.24 20.43 12.29
C LEU K 354 14.57 19.50 13.29
N LYS K 355 13.84 20.08 14.24
CA LYS K 355 12.96 19.31 15.11
C LYS K 355 11.67 19.05 14.35
N VAL K 356 11.48 17.82 13.91
CA VAL K 356 10.33 17.42 13.10
C VAL K 356 9.25 16.89 14.04
N GLN K 357 8.05 17.45 13.91
CA GLN K 357 6.89 17.02 14.69
C GLN K 357 5.77 16.67 13.73
N ARG K 358 5.28 15.44 13.82
CA ARG K 358 4.19 14.95 12.99
C ARG K 358 2.86 15.23 13.67
N TYR K 359 1.84 15.53 12.87
CA TYR K 359 0.47 15.66 13.35
C TYR K 359 -0.46 15.06 12.30
N ASP K 360 -1.67 14.75 12.74
CA ASP K 360 -2.66 14.10 11.89
C ASP K 360 -3.56 15.13 11.22
N LEU K 361 -3.72 14.99 9.91
CA LEU K 361 -4.63 15.86 9.16
C LEU K 361 -6.07 15.53 9.52
N LYS K 362 -6.87 16.58 9.75
CA LYS K 362 -8.29 16.38 10.00
C LYS K 362 -9.02 16.12 8.68
N GLU K 363 -10.27 15.67 8.80
CA GLU K 363 -11.11 15.49 7.63
C GLU K 363 -11.39 16.85 6.99
N ASP K 364 -11.50 16.86 5.66
CA ASP K 364 -11.73 18.09 4.90
C ASP K 364 -10.62 19.11 5.14
N SER K 365 -9.40 18.62 5.32
CA SER K 365 -8.24 19.48 5.49
C SER K 365 -7.52 19.77 4.18
N VAL K 366 -7.71 18.93 3.17
CA VAL K 366 -7.06 19.08 1.88
C VAL K 366 -8.11 18.93 0.79
N SER K 367 -7.88 19.62 -0.32
CA SER K 367 -8.86 19.70 -1.39
C SER K 367 -8.87 18.48 -2.31
N TRP K 368 -7.78 17.71 -2.35
CA TRP K 368 -7.73 16.55 -3.24
C TRP K 368 -8.42 15.33 -2.69
N THR K 369 -8.73 15.29 -1.39
CA THR K 369 -9.42 14.14 -0.82
C THR K 369 -10.08 14.56 0.48
N HIS K 370 -11.01 13.72 0.95
CA HIS K 370 -11.70 13.92 2.21
C HIS K 370 -11.04 13.18 3.36
N SER K 371 -10.33 12.08 3.09
CA SER K 371 -9.78 11.22 4.13
C SER K 371 -8.81 11.96 5.04
N GLY K 372 -7.73 12.45 4.48
CA GLY K 372 -6.69 13.13 5.24
C GLY K 372 -5.37 12.39 5.21
N GLY K 373 -4.66 12.45 6.34
CA GLY K 373 -3.34 11.88 6.42
C GLY K 373 -2.51 12.49 7.53
N GLU K 374 -1.29 12.92 7.20
CA GLU K 374 -0.33 13.45 8.16
C GLU K 374 0.39 14.66 7.58
N TYR K 375 0.86 15.53 8.46
CA TYR K 375 1.67 16.68 8.06
C TYR K 375 2.69 16.99 9.15
N TYR K 376 3.86 17.43 8.71
CA TYR K 376 5.02 17.63 9.57
C TYR K 376 5.37 19.10 9.66
N ILE K 377 5.66 19.56 10.87
CA ILE K 377 6.19 20.90 11.13
C ILE K 377 7.62 20.71 11.61
N SER K 378 8.57 21.32 10.89
CA SER K 378 10.00 21.20 11.18
C SER K 378 10.51 22.55 11.66
N THR K 379 10.86 22.63 12.93
CA THR K 379 11.37 23.87 13.51
C THR K 379 12.89 23.89 13.43
N VAL K 380 13.45 24.97 12.90
CA VAL K 380 14.90 25.11 12.79
C VAL K 380 15.44 25.44 14.17
N MET K 381 16.21 24.52 14.74
CA MET K 381 16.75 24.68 16.09
C MET K 381 18.11 25.34 16.05
N GLU K 382 18.50 25.94 17.17
CA GLU K 382 19.83 26.52 17.28
C GLU K 382 20.90 25.44 17.17
N ASP K 383 20.67 24.30 17.82
CA ASP K 383 21.60 23.17 17.81
C ASP K 383 21.05 22.05 16.95
N VAL K 384 21.87 20.99 16.80
CA VAL K 384 21.42 19.82 16.05
C VAL K 384 20.30 19.14 16.81
N ASP K 385 19.38 18.54 16.06
CA ASP K 385 18.25 17.83 16.67
C ASP K 385 18.74 16.61 17.42
N GLU K 386 18.29 16.46 18.65
CA GLU K 386 18.71 15.33 19.49
C GLU K 386 17.98 14.04 19.17
N SER K 387 16.85 14.11 18.46
CA SER K 387 16.06 12.91 18.20
C SER K 387 16.77 11.93 17.29
N LEU K 388 17.42 12.41 16.24
CA LEU K 388 18.04 11.52 15.27
C LEU K 388 19.18 10.71 15.86
N PHE K 389 19.80 11.18 16.95
CA PHE K 389 20.91 10.44 17.54
C PHE K 389 20.43 9.13 18.15
N SER K 390 19.27 9.12 18.79
CA SER K 390 18.73 7.89 19.35
C SER K 390 18.30 6.97 18.21
N PRO K 391 18.77 5.70 18.16
CA PRO K 391 18.27 4.80 17.11
C PRO K 391 16.78 4.53 17.19
N ALA K 392 16.16 4.74 18.35
CA ALA K 392 14.72 4.49 18.48
C ALA K 392 13.93 5.42 17.57
N ALA K 393 14.33 6.70 17.48
CA ALA K 393 13.62 7.64 16.62
C ALA K 393 13.73 7.23 15.16
N ARG K 394 14.89 6.74 14.74
CA ARG K 394 15.09 6.37 13.34
C ARG K 394 14.24 5.18 12.92
N GLY K 395 13.71 4.41 13.87
CA GLY K 395 12.86 3.29 13.53
C GLY K 395 11.55 3.75 12.92
N ARG K 396 10.90 2.80 12.21
CA ARG K 396 9.64 3.12 11.56
C ARG K 396 8.55 3.49 12.55
N ARG K 397 8.47 2.75 13.65
CA ARG K 397 7.42 3.00 14.65
C ARG K 397 7.79 4.19 15.52
N PRO K 402 9.24 -4.54 24.10
CA PRO K 402 10.42 -4.84 23.29
C PRO K 402 10.32 -6.18 22.57
N VAL K 403 11.44 -6.67 22.03
CA VAL K 403 11.48 -7.92 21.28
C VAL K 403 12.05 -8.97 22.22
N LYS K 404 11.16 -9.74 22.85
CA LYS K 404 11.57 -10.87 23.67
C LYS K 404 10.42 -11.87 23.73
N TYR K 405 10.77 -13.11 24.05
CA TYR K 405 9.75 -14.16 24.23
C TYR K 405 9.21 -14.12 25.65
N GLN L 2 33.64 19.41 33.49
CA GLN L 2 33.12 18.19 32.87
C GLN L 2 32.20 18.55 31.72
N ILE L 3 32.21 17.72 30.67
CA ILE L 3 31.25 17.81 29.58
C ILE L 3 30.80 16.40 29.20
N PHE L 4 29.72 16.35 28.43
CA PHE L 4 29.16 15.12 27.90
C PHE L 4 29.20 15.17 26.38
N VAL L 5 29.33 14.01 25.74
CA VAL L 5 29.29 13.90 24.29
C VAL L 5 28.34 12.77 23.93
N LYS L 6 27.52 13.01 22.90
CA LYS L 6 26.54 12.04 22.41
C LYS L 6 27.00 11.50 21.06
N THR L 7 26.90 10.19 20.89
CA THR L 7 27.29 9.48 19.68
C THR L 7 26.04 8.96 18.98
N LEU L 8 26.18 8.63 17.69
CA LEU L 8 25.05 8.16 16.90
C LEU L 8 24.39 6.90 17.46
N THR L 9 25.12 6.09 18.24
CA THR L 9 24.56 4.89 18.85
C THR L 9 23.82 5.18 20.14
N GLY L 10 23.68 6.45 20.53
CA GLY L 10 22.94 6.82 21.71
C GLY L 10 23.69 6.68 23.02
N LYS L 11 25.03 6.61 22.97
CA LYS L 11 25.85 6.47 24.16
C LYS L 11 26.36 7.84 24.60
N THR L 12 26.19 8.14 25.88
CA THR L 12 26.69 9.38 26.48
C THR L 12 28.03 9.08 27.14
N ILE L 13 29.05 9.85 26.76
CA ILE L 13 30.41 9.67 27.25
C ILE L 13 30.87 10.96 27.91
N THR L 14 31.49 10.84 29.08
CA THR L 14 31.88 11.99 29.89
C THR L 14 33.35 12.32 29.64
N LEU L 15 33.67 13.61 29.61
CA LEU L 15 35.03 14.10 29.43
C LEU L 15 35.35 15.10 30.54
N GLU L 16 36.59 15.07 31.02
CA GLU L 16 37.10 15.99 32.02
C GLU L 16 38.20 16.83 31.37
N VAL L 17 37.89 18.08 31.03
CA VAL L 17 38.78 18.97 30.31
C VAL L 17 38.65 20.36 30.92
N GLU L 18 39.35 21.33 30.33
CA GLU L 18 39.40 22.72 30.80
C GLU L 18 39.07 23.67 29.64
N PRO L 19 38.66 24.90 29.95
CA PRO L 19 38.35 25.85 28.85
C PRO L 19 39.53 26.14 27.94
N SER L 20 40.76 26.15 28.47
CA SER L 20 41.94 26.36 27.66
C SER L 20 42.29 25.15 26.80
N ASP L 21 41.62 24.03 27.00
CA ASP L 21 41.90 22.82 26.22
C ASP L 21 41.55 23.04 24.76
N THR L 22 42.37 22.47 23.88
CA THR L 22 42.17 22.55 22.45
C THR L 22 41.37 21.34 21.96
N ILE L 23 40.84 21.48 20.74
CA ILE L 23 40.03 20.42 20.16
C ILE L 23 40.86 19.16 19.94
N GLU L 24 42.13 19.31 19.57
CA GLU L 24 42.98 18.15 19.25
C GLU L 24 43.16 17.23 20.45
N ASN L 25 43.40 17.79 21.63
CA ASN L 25 43.61 16.96 22.82
C ASN L 25 42.31 16.27 23.22
N VAL L 26 41.17 16.95 23.05
CA VAL L 26 39.88 16.28 23.23
C VAL L 26 39.74 15.12 22.26
N LYS L 27 40.19 15.32 21.02
CA LYS L 27 40.04 14.28 20.01
C LYS L 27 40.86 13.06 20.37
N ALA L 28 42.10 13.28 20.81
CA ALA L 28 42.94 12.17 21.25
C ALA L 28 42.40 11.55 22.54
N LYS L 29 41.76 12.36 23.38
CA LYS L 29 41.15 11.85 24.61
C LYS L 29 40.01 10.88 24.29
N ILE L 30 39.15 11.28 23.35
CA ILE L 30 38.13 10.37 22.83
C ILE L 30 38.77 9.13 22.24
N GLN L 31 39.87 9.30 21.50
CA GLN L 31 40.56 8.16 20.91
C GLN L 31 41.00 7.17 21.99
N ASP L 32 41.66 7.64 23.03
CA ASP L 32 42.23 6.71 24.00
C ASP L 32 41.16 6.09 24.89
N LYS L 33 40.03 6.76 25.11
CA LYS L 33 38.98 6.14 25.91
C LYS L 33 38.08 5.21 25.10
N GLU L 34 37.94 5.42 23.78
CA GLU L 34 37.07 4.58 22.96
C GLU L 34 37.74 3.95 21.74
N GLY L 35 38.99 4.28 21.43
CA GLY L 35 39.69 3.66 20.33
C GLY L 35 39.33 4.18 18.96
N ILE L 36 38.45 5.18 18.87
CA ILE L 36 38.03 5.72 17.58
C ILE L 36 39.16 6.64 17.11
N PRO L 37 39.73 6.45 15.91
CA PRO L 37 40.90 7.24 15.55
C PRO L 37 40.53 8.67 15.27
N PRO L 38 41.50 9.59 15.26
CA PRO L 38 41.14 11.02 15.13
C PRO L 38 40.52 11.37 13.79
N ASP L 39 41.05 10.84 12.70
CA ASP L 39 40.65 11.31 11.38
C ASP L 39 39.19 11.00 11.07
N GLN L 40 38.60 10.00 11.73
CA GLN L 40 37.23 9.59 11.46
C GLN L 40 36.17 10.32 12.28
N GLN L 41 36.54 11.16 13.24
CA GLN L 41 35.57 11.74 14.18
C GLN L 41 35.46 13.24 14.02
N ARG L 42 34.23 13.74 14.02
CA ARG L 42 33.88 15.14 13.83
C ARG L 42 33.06 15.60 15.05
N LEU L 43 33.32 16.81 15.53
CA LEU L 43 32.68 17.33 16.73
C LEU L 43 31.72 18.46 16.36
N ILE L 44 30.55 18.48 17.02
CA ILE L 44 29.50 19.45 16.76
C ILE L 44 29.02 20.03 18.09
N PHE L 45 28.88 21.34 18.14
CA PHE L 45 28.27 22.05 19.26
C PHE L 45 27.44 23.22 18.76
N ALA L 46 26.21 23.32 19.27
CA ALA L 46 25.30 24.43 18.95
C ALA L 46 25.12 24.56 17.44
N GLY L 47 25.06 23.42 16.75
CA GLY L 47 24.94 23.46 15.31
C GLY L 47 26.17 23.95 14.59
N LYS L 48 27.33 23.97 15.26
CA LYS L 48 28.58 24.44 14.69
C LYS L 48 29.64 23.36 14.84
N GLN L 49 30.41 23.15 13.78
CA GLN L 49 31.49 22.16 13.77
C GLN L 49 32.74 22.77 14.39
N LEU L 50 33.33 22.06 15.33
CA LEU L 50 34.54 22.53 16.00
C LEU L 50 35.75 22.35 15.10
N GLU L 51 36.62 23.35 15.09
CA GLU L 51 37.81 23.36 14.25
C GLU L 51 39.03 22.98 15.08
N ASP L 52 39.92 22.18 14.49
CA ASP L 52 41.10 21.70 15.21
C ASP L 52 41.99 22.86 15.65
N GLY L 53 42.17 23.87 14.80
CA GLY L 53 42.99 25.01 15.16
C GLY L 53 42.44 25.84 16.29
N ARG L 54 41.12 25.80 16.52
CA ARG L 54 40.48 26.55 17.59
C ARG L 54 40.49 25.74 18.87
N THR L 55 40.09 26.39 19.96
CA THR L 55 40.05 25.80 21.29
C THR L 55 38.65 25.93 21.88
N LEU L 56 38.46 25.30 23.05
CA LEU L 56 37.15 25.30 23.69
C LEU L 56 36.71 26.71 24.07
N SER L 57 37.62 27.52 24.62
CA SER L 57 37.25 28.88 25.02
C SER L 57 36.89 29.74 23.82
N ASP L 58 37.37 29.40 22.62
CA ASP L 58 36.96 30.13 21.43
C ASP L 58 35.46 29.97 21.18
N TYR L 59 34.94 28.77 21.40
CA TYR L 59 33.51 28.49 21.23
C TYR L 59 32.69 28.79 22.47
N ASN L 60 33.32 29.15 23.59
CA ASN L 60 32.61 29.53 24.81
C ASN L 60 31.80 28.37 25.36
N ILE L 61 32.47 27.26 25.62
CA ILE L 61 31.79 26.09 26.19
C ILE L 61 31.39 26.41 27.63
N GLN L 62 30.18 25.99 27.99
CA GLN L 62 29.64 26.16 29.33
C GLN L 62 29.78 24.85 30.12
N LYS L 63 29.59 24.96 31.43
CA LYS L 63 29.71 23.80 32.31
C LYS L 63 28.55 22.83 32.06
N GLU L 64 28.87 21.54 32.15
CA GLU L 64 27.88 20.47 31.99
C GLU L 64 27.20 20.54 30.63
N SER L 65 27.96 20.94 29.61
CA SER L 65 27.45 21.08 28.26
C SER L 65 27.38 19.74 27.55
N THR L 66 26.73 19.74 26.39
CA THR L 66 26.54 18.54 25.57
C THR L 66 27.11 18.80 24.18
N LEU L 67 28.04 17.95 23.77
CA LEU L 67 28.62 17.95 22.44
C LEU L 67 28.09 16.73 21.68
N HIS L 68 28.36 16.70 20.37
CA HIS L 68 27.95 15.57 19.54
C HIS L 68 29.13 15.10 18.70
N LEU L 69 29.23 13.78 18.53
CA LEU L 69 30.34 13.13 17.88
C LEU L 69 29.80 12.36 16.68
N VAL L 70 30.38 12.60 15.51
CA VAL L 70 29.97 11.95 14.26
C VAL L 70 31.16 11.16 13.73
N LEU L 71 30.92 9.89 13.40
CA LEU L 71 31.95 8.98 12.95
C LEU L 71 31.92 8.86 11.44
N ARG L 72 33.07 9.06 10.79
CA ARG L 72 33.21 8.89 9.35
C ARG L 72 33.19 7.40 9.03
N LEU L 73 32.03 6.92 8.56
CA LEU L 73 31.89 5.50 8.22
C LEU L 73 32.44 5.22 6.82
N ARG L 74 31.85 5.83 5.79
CA ARG L 74 32.31 5.71 4.41
C ARG L 74 32.51 7.05 3.74
N GLY L 75 31.66 8.04 4.03
CA GLY L 75 31.70 9.31 3.34
C GLY L 75 30.81 9.31 2.11
N CYS L 76 31.28 9.93 1.03
CA CYS L 76 30.51 9.99 -0.20
C CYS L 76 30.51 8.64 -0.90
N SAM M . 0.81 25.76 -2.03
CA SAM M . -0.51 25.57 -2.60
C SAM M . -1.47 25.05 -1.55
O SAM M . -1.08 24.33 -0.63
OXT SAM M . -2.67 25.33 -1.59
CB SAM M . -0.46 24.62 -3.80
CG SAM M . 0.24 23.29 -3.53
SD SAM M . 0.24 22.23 -4.99
CE SAM M . 0.14 20.56 -4.29
C5' SAM M . 2.01 22.25 -5.40
C4' SAM M . 2.35 23.39 -6.34
O4' SAM M . 3.74 23.56 -6.39
C3' SAM M . 1.86 23.15 -7.76
O3' SAM M . 0.81 24.03 -8.09
C2' SAM M . 3.06 23.39 -8.65
O2' SAM M . 2.75 24.32 -9.65
C1' SAM M . 4.14 23.91 -7.70
N9 SAM M . 5.49 23.39 -7.97
C8 SAM M . 5.90 22.08 -8.04
N7 SAM M . 7.22 22.04 -8.29
C5 SAM M . 7.67 23.32 -8.37
C6 SAM M . 8.93 23.85 -8.61
N6 SAM M . 9.97 23.04 -8.82
N1 SAM M . 9.10 25.21 -8.65
C2 SAM M . 8.01 26.04 -8.44
N3 SAM M . 6.77 25.50 -8.20
C4 SAM M . 6.60 24.16 -8.17
#